data_6C46
#
_entry.id   6C46
#
_cell.length_a   139.340
_cell.length_b   62.240
_cell.length_c   131.020
_cell.angle_alpha   90.000
_cell.angle_beta   105.020
_cell.angle_gamma   90.000
#
_symmetry.space_group_name_H-M   'C 1 2 1'
#
loop_
_entity.id
_entity.type
_entity.pdbx_description
1 polymer 'dTDP-4-dehydrorhamnose 3,5-epimerase'
2 non-polymer 'CALCIUM ION'
3 water water
#
_entity_poly.entity_id   1
_entity_poly.type   'polypeptide(L)'
_entity_poly.pdbx_seq_one_letter_code
;MAHHHHHHMKLVKTPLKDCYIIEPTVFEDERGYFYEKYNEKKFEELTGLNGHFVQDNISKSSYGVLRGLHLQKGKHAQAK
LVSCLEGRVWDVAVDLRENSETFGKCYGMELSAENKLQFYVPRGFAHGFVVLSETAVFSYKCDNFYNKESEGSVKFNDSD
LSIDWKIPEADMILSEKDQNAPAFKDKNY
;
_entity_poly.pdbx_strand_id   A,B,C,D,E
#
# COMPACT_ATOMS: atom_id res chain seq x y z
N HIS A 7 11.37 5.20 -17.51
CA HIS A 7 10.60 5.40 -18.74
C HIS A 7 9.07 5.47 -18.48
N HIS A 8 8.55 4.62 -17.58
CA HIS A 8 7.13 4.70 -17.27
C HIS A 8 6.75 6.04 -16.63
N MET A 9 5.60 6.58 -17.03
CA MET A 9 5.10 7.78 -16.36
C MET A 9 4.62 7.42 -14.96
N LYS A 10 4.87 8.30 -14.01
CA LYS A 10 4.48 8.03 -12.62
C LYS A 10 3.39 9.02 -12.23
N LEU A 11 2.15 8.53 -12.17
CA LEU A 11 1.01 9.33 -11.74
C LEU A 11 0.67 8.90 -10.33
N VAL A 12 0.61 9.85 -9.39
CA VAL A 12 0.37 9.53 -7.99
C VAL A 12 -1.07 9.89 -7.63
N LYS A 13 -1.78 8.95 -7.00
CA LYS A 13 -3.17 9.15 -6.63
C LYS A 13 -3.32 10.29 -5.63
N THR A 14 -4.42 11.03 -5.74
CA THR A 14 -4.83 11.97 -4.70
C THR A 14 -6.20 11.57 -4.17
N PRO A 15 -6.70 12.22 -3.12
CA PRO A 15 -8.05 11.90 -2.64
C PRO A 15 -9.17 12.29 -3.60
N LEU A 16 -8.89 13.01 -4.70
CA LEU A 16 -9.96 13.41 -5.61
C LEU A 16 -9.94 12.53 -6.86
N LYS A 17 -11.10 12.03 -7.26
CA LYS A 17 -11.13 11.10 -8.40
C LYS A 17 -10.61 11.78 -9.66
N ASP A 18 -9.73 11.09 -10.38
CA ASP A 18 -9.14 11.48 -11.66
C ASP A 18 -8.14 12.60 -11.52
N CYS A 19 -7.84 13.04 -10.31
CA CYS A 19 -6.89 14.13 -10.09
C CYS A 19 -5.57 13.52 -9.65
N TYR A 20 -4.49 13.79 -10.40
CA TYR A 20 -3.22 13.10 -10.20
C TYR A 20 -2.06 14.05 -10.09
N ILE A 21 -1.03 13.60 -9.38
CA ILE A 21 0.28 14.24 -9.35
C ILE A 21 1.19 13.51 -10.34
N ILE A 22 1.85 14.26 -11.22
CA ILE A 22 2.87 13.65 -12.09
C ILE A 22 4.22 13.85 -11.40
N GLU A 23 4.82 12.76 -10.99
CA GLU A 23 6.16 12.77 -10.40
CA GLU A 23 6.15 12.80 -10.40
C GLU A 23 7.18 12.47 -11.48
N PRO A 24 8.16 13.32 -11.71
CA PRO A 24 9.09 13.12 -12.82
C PRO A 24 10.17 12.10 -12.49
N THR A 25 10.68 11.44 -13.52
CA THR A 25 11.86 10.58 -13.38
CA THR A 25 11.86 10.58 -13.38
C THR A 25 13.04 11.38 -13.94
N VAL A 26 13.86 11.91 -13.05
CA VAL A 26 14.92 12.83 -13.43
C VAL A 26 16.22 12.06 -13.60
N PHE A 27 16.84 12.22 -14.76
CA PHE A 27 18.13 11.62 -15.04
C PHE A 27 19.22 12.67 -14.88
N GLU A 28 20.16 12.40 -13.99
CA GLU A 28 21.23 13.34 -13.71
C GLU A 28 22.49 12.86 -14.41
N ASP A 29 23.41 13.79 -14.64
CA ASP A 29 24.69 13.49 -15.29
C ASP A 29 25.58 14.71 -15.15
N GLU A 30 26.76 14.65 -15.77
CA GLU A 30 27.79 15.67 -15.55
C GLU A 30 27.27 17.07 -15.86
N ARG A 31 26.61 17.25 -17.00
CA ARG A 31 26.21 18.58 -17.41
C ARG A 31 24.99 19.11 -16.66
N GLY A 32 24.27 18.27 -15.91
CA GLY A 32 23.02 18.73 -15.34
C GLY A 32 22.02 17.61 -15.15
N TYR A 33 20.81 17.76 -15.71
CA TYR A 33 19.79 16.73 -15.62
C TYR A 33 18.87 16.83 -16.83
N PHE A 34 18.05 15.80 -17.01
CA PHE A 34 17.02 15.83 -18.04
C PHE A 34 15.86 14.98 -17.57
N TYR A 35 14.66 15.31 -18.03
CA TYR A 35 13.50 14.47 -17.78
C TYR A 35 12.42 14.75 -18.81
N GLU A 36 11.59 13.73 -19.03
CA GLU A 36 10.38 13.84 -19.82
C GLU A 36 9.29 14.40 -18.92
N LYS A 37 8.92 15.65 -19.13
CA LYS A 37 7.93 16.26 -18.25
C LYS A 37 6.54 15.70 -18.50
N TYR A 38 6.16 15.51 -19.75
CA TYR A 38 4.81 15.07 -20.04
C TYR A 38 4.83 14.29 -21.35
N ASN A 39 3.95 13.30 -21.43
CA ASN A 39 3.86 12.47 -22.64
C ASN A 39 2.40 12.10 -22.80
N GLU A 40 1.76 12.53 -23.88
CA GLU A 40 0.33 12.35 -24.02
C GLU A 40 -0.05 10.87 -24.12
N LYS A 41 0.73 10.08 -24.86
CA LYS A 41 0.43 8.67 -25.04
C LYS A 41 0.48 7.94 -23.72
N LYS A 42 1.52 8.21 -22.92
CA LYS A 42 1.63 7.53 -21.64
C LYS A 42 0.49 7.93 -20.72
N PHE A 43 0.17 9.22 -20.69
CA PHE A 43 -0.88 9.69 -19.82
C PHE A 43 -2.22 9.07 -20.20
N GLU A 44 -2.53 9.07 -21.50
CA GLU A 44 -3.82 8.49 -21.94
C GLU A 44 -3.87 6.99 -21.69
N GLU A 45 -2.75 6.29 -21.89
CA GLU A 45 -2.70 4.85 -21.58
CA GLU A 45 -2.71 4.85 -21.58
C GLU A 45 -3.01 4.59 -20.11
N LEU A 46 -2.49 5.43 -19.23
CA LEU A 46 -2.68 5.19 -17.79
C LEU A 46 -4.06 5.58 -17.31
N THR A 47 -4.67 6.62 -17.89
CA THR A 47 -5.86 7.17 -17.29
C THR A 47 -7.14 6.93 -18.07
N GLY A 48 -7.05 6.61 -19.35
CA GLY A 48 -8.24 6.65 -20.18
C GLY A 48 -8.87 8.02 -20.33
N LEU A 49 -8.17 9.07 -19.89
CA LEU A 49 -8.64 10.45 -20.03
C LEU A 49 -8.01 11.11 -21.25
N ASN A 50 -8.61 12.22 -21.67
CA ASN A 50 -8.01 13.06 -22.73
C ASN A 50 -6.67 13.61 -22.27
N GLY A 51 -5.63 13.39 -23.07
CA GLY A 51 -4.33 13.98 -22.76
C GLY A 51 -3.87 15.07 -23.71
N HIS A 52 -4.75 15.54 -24.60
CA HIS A 52 -4.41 16.53 -25.63
C HIS A 52 -4.57 17.93 -25.05
N PHE A 53 -3.45 18.59 -24.74
CA PHE A 53 -3.49 19.99 -24.31
C PHE A 53 -3.31 20.93 -25.50
N VAL A 54 -4.07 22.02 -25.51
CA VAL A 54 -4.20 22.91 -26.66
C VAL A 54 -3.74 24.34 -26.38
N GLN A 55 -3.48 24.68 -25.12
CA GLN A 55 -3.15 26.04 -24.76
C GLN A 55 -2.21 25.98 -23.56
N ASP A 56 -1.21 26.85 -23.56
CA ASP A 56 -0.27 26.98 -22.45
C ASP A 56 -0.27 28.43 -21.99
N ASN A 57 -0.37 28.64 -20.67
CA ASN A 57 -0.45 29.97 -20.10
C ASN A 57 0.60 30.11 -19.01
N ILE A 58 1.13 31.32 -18.86
CA ILE A 58 2.16 31.62 -17.87
C ILE A 58 1.73 32.84 -17.07
N SER A 59 1.93 32.80 -15.76
CA SER A 59 1.80 34.02 -14.98
C SER A 59 2.92 34.09 -13.95
N LYS A 60 3.30 35.33 -13.62
CA LYS A 60 4.25 35.62 -12.55
C LYS A 60 3.54 36.55 -11.59
N SER A 61 3.59 36.23 -10.29
CA SER A 61 2.88 37.00 -9.27
C SER A 61 3.72 37.04 -8.01
N SER A 62 3.42 37.99 -7.14
CA SER A 62 4.22 38.19 -5.93
CA SER A 62 4.22 38.18 -5.94
C SER A 62 3.60 37.47 -4.75
N TYR A 63 4.39 37.37 -3.66
CA TYR A 63 3.98 36.68 -2.43
C TYR A 63 2.57 37.05 -2.01
N GLY A 64 1.75 36.04 -1.74
CA GLY A 64 0.43 36.26 -1.18
C GLY A 64 -0.66 36.46 -2.21
N VAL A 65 -0.29 36.69 -3.47
CA VAL A 65 -1.30 36.72 -4.51
C VAL A 65 -2.01 35.38 -4.56
N LEU A 66 -3.33 35.41 -4.44
CA LEU A 66 -4.18 34.22 -4.43
C LEU A 66 -5.21 34.38 -5.53
N ARG A 67 -5.24 33.43 -6.48
CA ARG A 67 -6.17 33.46 -7.60
CA ARG A 67 -6.16 33.46 -7.61
C ARG A 67 -7.05 32.22 -7.56
N GLY A 68 -8.37 32.42 -7.63
CA GLY A 68 -9.30 31.29 -7.68
C GLY A 68 -10.55 31.54 -6.87
N LEU A 69 -11.45 30.56 -6.74
CA LEU A 69 -11.39 29.29 -7.45
C LEU A 69 -12.09 29.47 -8.79
N HIS A 70 -11.47 29.02 -9.89
CA HIS A 70 -11.95 29.33 -11.23
C HIS A 70 -12.22 28.06 -12.03
N LEU A 71 -13.13 28.18 -13.00
CA LEU A 71 -13.46 27.08 -13.90
C LEU A 71 -14.18 27.67 -15.10
N GLN A 72 -14.33 26.85 -16.14
CA GLN A 72 -15.23 27.17 -17.25
C GLN A 72 -16.32 26.11 -17.28
N LYS A 73 -17.54 26.54 -17.57
CA LYS A 73 -18.70 25.66 -17.45
C LYS A 73 -18.95 24.84 -18.72
N GLY A 74 -19.55 23.67 -18.52
CA GLY A 74 -20.15 22.93 -19.63
C GLY A 74 -19.12 22.46 -20.65
N LYS A 75 -19.46 22.62 -21.93
CA LYS A 75 -18.58 22.15 -22.99
C LYS A 75 -17.29 22.95 -23.09
N HIS A 76 -17.18 24.07 -22.36
CA HIS A 76 -15.95 24.86 -22.33
C HIS A 76 -15.04 24.49 -21.18
N ALA A 77 -15.41 23.49 -20.37
CA ALA A 77 -14.60 23.12 -19.22
C ALA A 77 -13.18 22.75 -19.64
N GLN A 78 -12.21 23.14 -18.82
CA GLN A 78 -10.79 22.96 -19.11
C GLN A 78 -10.17 22.05 -18.07
N ALA A 79 -9.63 20.91 -18.51
CA ALA A 79 -8.67 20.21 -17.67
C ALA A 79 -7.37 21.01 -17.67
N LYS A 80 -6.68 21.02 -16.52
CA LYS A 80 -5.49 21.83 -16.32
C LYS A 80 -4.34 20.97 -15.81
N LEU A 81 -3.16 21.12 -16.43
CA LEU A 81 -1.93 20.48 -15.96
C LEU A 81 -1.03 21.61 -15.52
N VAL A 82 -0.80 21.72 -14.21
CA VAL A 82 -0.21 22.93 -13.68
C VAL A 82 1.11 22.60 -12.99
N SER A 83 2.02 23.57 -13.01
CA SER A 83 3.31 23.41 -12.33
C SER A 83 3.87 24.79 -12.05
N CYS A 84 4.94 24.81 -11.27
CA CYS A 84 5.57 26.06 -10.88
C CYS A 84 6.98 26.06 -11.46
N LEU A 85 7.27 27.02 -12.32
CA LEU A 85 8.56 27.11 -12.98
C LEU A 85 9.61 27.90 -12.18
N GLU A 86 9.17 28.75 -11.26
CA GLU A 86 10.10 29.49 -10.41
CA GLU A 86 10.13 29.40 -10.37
C GLU A 86 9.39 29.77 -9.10
N GLY A 87 10.08 29.59 -7.98
CA GLY A 87 9.46 29.86 -6.69
C GLY A 87 8.62 28.68 -6.20
N ARG A 88 7.61 29.02 -5.40
CA ARG A 88 6.77 28.01 -4.75
C ARG A 88 5.33 28.52 -4.70
N VAL A 89 4.38 27.63 -5.00
CA VAL A 89 2.96 27.96 -4.84
C VAL A 89 2.26 26.82 -4.09
N TRP A 90 1.14 27.15 -3.47
CA TRP A 90 0.21 26.17 -2.93
C TRP A 90 -1.00 26.17 -3.84
N ASP A 91 -1.29 25.01 -4.42
CA ASP A 91 -2.29 24.87 -5.47
C ASP A 91 -3.43 24.00 -4.95
N VAL A 92 -4.67 24.40 -5.23
CA VAL A 92 -5.85 23.72 -4.67
C VAL A 92 -6.83 23.38 -5.79
N ALA A 93 -7.37 22.16 -5.76
CA ALA A 93 -8.42 21.72 -6.67
C ALA A 93 -9.64 21.30 -5.87
N VAL A 94 -10.82 21.53 -6.45
CA VAL A 94 -12.11 21.17 -5.84
C VAL A 94 -12.94 20.42 -6.86
N ASP A 95 -13.38 19.23 -6.52
CA ASP A 95 -14.20 18.43 -7.41
C ASP A 95 -15.62 18.97 -7.37
N LEU A 96 -16.14 19.43 -8.51
CA LEU A 96 -17.49 19.96 -8.57
C LEU A 96 -18.41 19.12 -9.45
N ARG A 97 -18.04 17.87 -9.74
CA ARG A 97 -18.89 16.98 -10.52
C ARG A 97 -19.94 16.36 -9.61
N GLU A 98 -21.21 16.72 -9.83
CA GLU A 98 -22.27 16.31 -8.89
C GLU A 98 -22.39 14.79 -8.81
N ASN A 99 -22.00 14.09 -9.85
CA ASN A 99 -22.12 12.63 -9.78
CA ASN A 99 -22.04 12.63 -9.96
C ASN A 99 -20.80 11.94 -9.41
N SER A 100 -19.80 12.70 -8.96
CA SER A 100 -18.53 12.15 -8.51
C SER A 100 -18.62 11.75 -7.04
N GLU A 101 -18.03 10.61 -6.69
CA GLU A 101 -17.95 10.23 -5.29
C GLU A 101 -17.12 11.21 -4.47
N THR A 102 -16.29 12.06 -5.10
CA THR A 102 -15.54 13.06 -4.35
C THR A 102 -16.06 14.48 -4.62
N PHE A 103 -17.31 14.60 -5.06
CA PHE A 103 -17.95 15.90 -5.22
C PHE A 103 -17.83 16.69 -3.92
N GLY A 104 -17.45 17.95 -4.04
CA GLY A 104 -17.37 18.85 -2.89
C GLY A 104 -16.11 18.74 -2.07
N LYS A 105 -15.19 17.82 -2.42
CA LYS A 105 -13.96 17.62 -1.69
C LYS A 105 -12.83 18.42 -2.35
N CYS A 106 -11.82 18.77 -1.53
CA CYS A 106 -10.72 19.61 -1.98
C CYS A 106 -9.40 18.92 -1.68
N TYR A 107 -8.38 19.33 -2.43
CA TYR A 107 -7.03 18.83 -2.20
C TYR A 107 -6.04 19.91 -2.56
N GLY A 108 -5.04 20.12 -1.71
CA GLY A 108 -4.01 21.10 -1.97
C GLY A 108 -2.64 20.49 -1.87
N MET A 109 -1.69 21.10 -2.56
CA MET A 109 -0.31 20.62 -2.55
C MET A 109 0.62 21.73 -3.00
N GLU A 110 1.88 21.63 -2.56
CA GLU A 110 2.90 22.58 -2.97
C GLU A 110 3.48 22.18 -4.33
N LEU A 111 3.52 23.13 -5.25
CA LEU A 111 4.22 22.99 -6.52
C LEU A 111 5.39 23.97 -6.51
N SER A 112 6.57 23.50 -6.90
CA SER A 112 7.73 24.38 -6.83
C SER A 112 8.69 24.08 -7.99
N ALA A 113 9.55 25.05 -8.28
CA ALA A 113 10.59 24.80 -9.27
C ALA A 113 11.49 23.68 -8.79
N GLU A 114 11.72 23.64 -7.48
CA GLU A 114 12.57 22.60 -6.91
C GLU A 114 11.92 21.23 -7.03
N ASN A 115 10.62 21.10 -6.72
CA ASN A 115 10.12 19.73 -6.67
C ASN A 115 9.66 19.22 -8.02
N LYS A 116 9.53 20.10 -9.03
CA LYS A 116 9.26 19.72 -10.41
C LYS A 116 7.94 18.95 -10.57
N LEU A 117 7.06 19.03 -9.57
CA LEU A 117 5.80 18.30 -9.66
C LEU A 117 4.82 18.99 -10.61
N GLN A 118 3.94 18.19 -11.20
CA GLN A 118 2.79 18.71 -11.92
C GLN A 118 1.52 18.14 -11.31
N PHE A 119 0.44 18.89 -11.45
CA PHE A 119 -0.83 18.57 -10.82
C PHE A 119 -1.87 18.57 -11.94
N TYR A 120 -2.54 17.44 -12.15
CA TYR A 120 -3.55 17.31 -13.19
C TYR A 120 -4.93 17.48 -12.57
N VAL A 121 -5.65 18.52 -12.99
CA VAL A 121 -6.96 18.91 -12.49
C VAL A 121 -7.98 18.64 -13.60
N PRO A 122 -8.86 17.65 -13.44
CA PRO A 122 -9.78 17.29 -14.53
C PRO A 122 -10.78 18.40 -14.83
N ARG A 123 -11.43 18.28 -16.01
CA ARG A 123 -12.64 19.04 -16.27
C ARG A 123 -13.67 18.76 -15.19
N GLY A 124 -14.45 19.80 -14.84
CA GLY A 124 -15.46 19.71 -13.79
C GLY A 124 -14.93 20.07 -12.41
N PHE A 125 -13.68 20.47 -12.31
CA PHE A 125 -13.07 20.91 -11.07
C PHE A 125 -12.95 22.42 -11.09
N ALA A 126 -12.86 23.02 -9.91
CA ALA A 126 -12.39 24.39 -9.80
C ALA A 126 -10.94 24.37 -9.32
N HIS A 127 -10.21 25.45 -9.63
CA HIS A 127 -8.78 25.46 -9.39
C HIS A 127 -8.33 26.83 -8.91
N GLY A 128 -7.32 26.85 -8.04
CA GLY A 128 -6.74 28.12 -7.64
C GLY A 128 -5.38 27.90 -7.02
N PHE A 129 -4.66 28.99 -6.77
CA PHE A 129 -3.37 28.85 -6.11
C PHE A 129 -2.99 30.13 -5.39
N VAL A 130 -2.05 30.00 -4.44
CA VAL A 130 -1.51 31.15 -3.72
C VAL A 130 0.01 31.11 -3.82
N VAL A 131 0.62 32.29 -3.94
CA VAL A 131 2.08 32.35 -4.09
C VAL A 131 2.69 32.30 -2.69
N LEU A 132 3.58 31.34 -2.47
CA LEU A 132 4.23 31.19 -1.17
C LEU A 132 5.57 31.89 -1.09
N SER A 133 6.26 32.04 -2.21
CA SER A 133 7.60 32.64 -2.24
C SER A 133 7.52 34.13 -2.56
N GLU A 134 8.68 34.79 -2.60
CA GLU A 134 8.69 36.23 -2.86
C GLU A 134 7.97 36.54 -4.19
N THR A 135 8.27 35.76 -5.23
CA THR A 135 7.51 35.75 -6.48
C THR A 135 7.50 34.33 -7.00
N ALA A 136 6.58 34.04 -7.90
CA ALA A 136 6.53 32.71 -8.50
C ALA A 136 6.04 32.80 -9.93
N VAL A 137 6.57 31.92 -10.78
CA VAL A 137 6.08 31.77 -12.15
C VAL A 137 5.28 30.48 -12.20
N PHE A 138 4.04 30.60 -12.64
CA PHE A 138 3.05 29.52 -12.62
C PHE A 138 2.73 29.15 -14.06
N SER A 139 2.72 27.87 -14.37
CA SER A 139 2.44 27.39 -15.71
C SER A 139 1.17 26.54 -15.69
N TYR A 140 0.23 26.82 -16.58
CA TYR A 140 -0.90 25.92 -16.67
C TYR A 140 -1.24 25.66 -18.13
N LYS A 141 -1.32 24.37 -18.48
CA LYS A 141 -1.74 23.90 -19.78
C LYS A 141 -3.21 23.49 -19.67
N CYS A 142 -4.00 23.85 -20.67
CA CYS A 142 -5.43 23.58 -20.65
C CYS A 142 -5.79 22.68 -21.81
N ASP A 143 -6.72 21.75 -21.58
CA ASP A 143 -7.18 20.86 -22.62
C ASP A 143 -8.41 21.40 -23.34
N ASN A 144 -8.70 22.70 -23.21
CA ASN A 144 -9.79 23.33 -23.92
C ASN A 144 -9.50 24.81 -23.99
N PHE A 145 -10.19 25.50 -24.88
CA PHE A 145 -9.86 26.89 -25.16
C PHE A 145 -10.62 27.84 -24.23
N TYR A 146 -10.04 29.02 -24.06
CA TYR A 146 -10.62 30.11 -23.29
C TYR A 146 -12.01 30.49 -23.79
N ASN A 147 -12.95 30.71 -22.86
CA ASN A 147 -14.27 31.22 -23.22
C ASN A 147 -14.82 32.04 -22.06
N LYS A 148 -14.84 33.36 -22.20
CA LYS A 148 -15.17 34.23 -21.08
C LYS A 148 -16.59 34.01 -20.60
N GLU A 149 -17.54 33.87 -21.52
CA GLU A 149 -18.94 33.76 -21.13
C GLU A 149 -19.17 32.53 -20.28
N SER A 150 -18.36 31.49 -20.47
CA SER A 150 -18.55 30.23 -19.75
C SER A 150 -17.98 30.25 -18.33
N GLU A 151 -17.35 31.33 -17.90
CA GLU A 151 -16.59 31.27 -16.65
C GLU A 151 -17.50 31.03 -15.45
N GLY A 152 -17.04 30.16 -14.54
CA GLY A 152 -17.67 29.97 -13.25
C GLY A 152 -16.64 30.21 -12.16
N SER A 153 -17.10 30.19 -10.91
CA SER A 153 -16.18 30.49 -9.82
C SER A 153 -16.78 30.03 -8.50
N VAL A 154 -15.89 29.82 -7.53
CA VAL A 154 -16.28 29.50 -6.15
C VAL A 154 -15.43 30.36 -5.24
N LYS A 155 -16.06 31.04 -4.28
CA LYS A 155 -15.33 31.85 -3.32
C LYS A 155 -14.21 31.04 -2.64
N PHE A 156 -12.97 31.55 -2.70
CA PHE A 156 -11.81 30.76 -2.27
C PHE A 156 -11.90 30.35 -0.80
N ASN A 157 -12.47 31.20 0.05
CA ASN A 157 -12.55 30.92 1.49
C ASN A 157 -13.96 30.53 1.91
N ASP A 158 -14.71 29.95 0.97
CA ASP A 158 -16.03 29.41 1.27
C ASP A 158 -15.98 28.54 2.53
N SER A 159 -16.90 28.78 3.47
CA SER A 159 -16.88 28.09 4.75
C SER A 159 -17.29 26.61 4.64
N ASP A 160 -18.05 26.23 3.62
CA ASP A 160 -18.34 24.82 3.44
C ASP A 160 -17.09 24.04 3.01
N LEU A 161 -16.28 24.63 2.12
CA LEU A 161 -15.06 23.94 1.69
C LEU A 161 -13.96 24.03 2.74
N SER A 162 -13.90 25.14 3.46
CA SER A 162 -12.90 25.37 4.51
CA SER A 162 -12.90 25.35 4.51
C SER A 162 -11.49 25.00 4.03
N ILE A 163 -11.10 25.57 2.89
CA ILE A 163 -9.76 25.29 2.35
C ILE A 163 -8.70 25.97 3.19
N ASP A 164 -7.61 25.25 3.46
CA ASP A 164 -6.43 25.82 4.11
C ASP A 164 -5.52 26.42 3.04
N TRP A 165 -5.45 27.76 3.00
CA TRP A 165 -4.61 28.43 2.02
C TRP A 165 -3.22 28.75 2.57
N LYS A 166 -2.88 28.19 3.74
CA LYS A 166 -1.52 28.10 4.29
C LYS A 166 -0.94 29.40 4.85
N ILE A 167 -1.08 30.52 4.15
CA ILE A 167 -0.40 31.74 4.60
C ILE A 167 -1.38 32.54 5.46
N PRO A 168 -0.89 33.53 6.23
CA PRO A 168 -1.82 34.34 7.03
C PRO A 168 -2.82 35.05 6.15
N GLU A 169 -4.06 35.13 6.63
CA GLU A 169 -5.12 35.76 5.85
C GLU A 169 -4.81 37.22 5.52
N ALA A 170 -4.14 37.93 6.44
CA ALA A 170 -3.78 39.33 6.18
C ALA A 170 -2.78 39.45 5.03
N ASP A 171 -2.07 38.37 4.69
CA ASP A 171 -1.10 38.41 3.59
C ASP A 171 -1.72 38.16 2.22
N MET A 172 -2.97 37.69 2.15
CA MET A 172 -3.54 37.30 0.86
C MET A 172 -3.95 38.53 0.06
N ILE A 173 -3.64 38.49 -1.23
CA ILE A 173 -3.97 39.56 -2.16
C ILE A 173 -4.94 39.00 -3.19
N LEU A 174 -6.17 39.54 -3.22
CA LEU A 174 -7.23 39.01 -4.06
C LEU A 174 -7.76 40.08 -4.99
N SER A 175 -8.06 39.70 -6.22
CA SER A 175 -8.73 40.60 -7.15
C SER A 175 -10.13 40.90 -6.64
N GLU A 176 -10.72 42.01 -7.15
CA GLU A 176 -12.10 42.32 -6.79
C GLU A 176 -13.04 41.18 -7.17
N LYS A 177 -12.85 40.61 -8.37
CA LYS A 177 -13.69 39.50 -8.79
C LYS A 177 -13.57 38.32 -7.81
N ASP A 178 -12.34 37.95 -7.46
CA ASP A 178 -12.21 36.80 -6.56
C ASP A 178 -12.71 37.11 -5.16
N GLN A 179 -12.64 38.38 -4.73
CA GLN A 179 -13.24 38.78 -3.46
C GLN A 179 -14.76 38.63 -3.47
N ASN A 180 -15.38 38.66 -4.63
CA ASN A 180 -16.84 38.66 -4.71
C ASN A 180 -17.40 37.41 -5.37
N ALA A 181 -16.58 36.37 -5.54
CA ALA A 181 -17.06 35.14 -6.17
C ALA A 181 -18.17 34.52 -5.33
N PRO A 182 -19.17 33.91 -5.97
CA PRO A 182 -20.29 33.32 -5.23
C PRO A 182 -19.86 32.10 -4.40
N ALA A 183 -20.62 31.86 -3.33
CA ALA A 183 -20.35 30.72 -2.45
C ALA A 183 -20.50 29.39 -3.20
N PHE A 184 -19.86 28.36 -2.64
CA PHE A 184 -19.98 27.01 -3.19
C PHE A 184 -21.44 26.58 -3.30
N LYS A 185 -22.27 26.89 -2.30
CA LYS A 185 -23.64 26.43 -2.32
CA LYS A 185 -23.64 26.43 -2.32
C LYS A 185 -24.47 27.16 -3.37
N ASP A 186 -23.99 28.30 -3.88
CA ASP A 186 -24.72 29.03 -4.91
C ASP A 186 -24.56 28.41 -6.29
N LYS A 187 -23.61 27.51 -6.47
CA LYS A 187 -23.47 26.72 -7.70
C LYS A 187 -23.25 27.59 -8.93
N ASN A 188 -22.21 28.43 -8.87
CA ASN A 188 -21.80 29.18 -10.06
C ASN A 188 -20.83 28.32 -10.89
N TYR A 189 -21.31 27.14 -11.25
CA TYR A 189 -20.48 26.19 -11.97
C TYR A 189 -21.37 25.16 -12.64
N HIS B 7 -4.14 39.53 -28.28
CA HIS B 7 -4.87 38.27 -28.44
C HIS B 7 -4.36 37.45 -29.65
N HIS B 8 -4.11 38.09 -30.79
CA HIS B 8 -3.56 37.35 -31.92
C HIS B 8 -2.19 36.77 -31.58
N MET B 9 -1.93 35.55 -32.03
CA MET B 9 -0.59 35.01 -31.91
C MET B 9 0.33 35.70 -32.90
N LYS B 10 1.56 35.98 -32.47
CA LYS B 10 2.50 36.70 -33.31
C LYS B 10 3.66 35.77 -33.69
N LEU B 11 3.64 35.30 -34.93
CA LEU B 11 4.73 34.48 -35.48
C LEU B 11 5.58 35.36 -36.37
N VAL B 12 6.88 35.40 -36.09
CA VAL B 12 7.81 36.26 -36.81
C VAL B 12 8.63 35.37 -37.75
N LYS B 13 8.68 35.77 -39.02
CA LYS B 13 9.38 35.00 -40.04
C LYS B 13 10.87 34.93 -39.77
N THR B 14 11.49 33.79 -40.08
CA THR B 14 12.95 33.66 -40.12
C THR B 14 13.36 33.36 -41.55
N PRO B 15 14.67 33.35 -41.88
CA PRO B 15 15.05 33.00 -43.26
C PRO B 15 14.80 31.54 -43.63
N LEU B 16 14.39 30.67 -42.71
CA LEU B 16 14.15 29.27 -43.04
C LEU B 16 12.65 29.03 -43.18
N LYS B 17 12.26 28.34 -44.25
CA LYS B 17 10.85 28.13 -44.53
C LYS B 17 10.19 27.34 -43.41
N ASP B 18 9.02 27.81 -42.96
CA ASP B 18 8.17 27.20 -41.93
C ASP B 18 8.75 27.31 -40.52
N CYS B 19 9.87 27.99 -40.36
CA CYS B 19 10.52 28.12 -39.07
C CYS B 19 10.20 29.52 -38.54
N TYR B 20 9.61 29.62 -37.35
CA TYR B 20 9.08 30.89 -36.83
C TYR B 20 9.52 31.14 -35.40
N ILE B 21 9.60 32.42 -35.06
CA ILE B 21 9.74 32.88 -33.68
C ILE B 21 8.36 33.25 -33.18
N ILE B 22 7.99 32.75 -31.99
CA ILE B 22 6.74 33.17 -31.37
C ILE B 22 7.08 34.28 -30.39
N GLU B 23 6.57 35.45 -30.67
CA GLU B 23 6.75 36.60 -29.80
CA GLU B 23 6.76 36.59 -29.79
C GLU B 23 5.54 36.70 -28.88
N PRO B 24 5.73 36.69 -27.57
CA PRO B 24 4.57 36.71 -26.67
C PRO B 24 4.00 38.10 -26.56
N THR B 25 2.71 38.15 -26.23
CA THR B 25 2.03 39.40 -25.90
C THR B 25 1.84 39.40 -24.38
N VAL B 26 2.68 40.17 -23.68
CA VAL B 26 2.80 40.05 -22.24
C VAL B 26 2.01 41.18 -21.61
N PHE B 27 1.08 40.81 -20.75
CA PHE B 27 0.28 41.79 -20.01
C PHE B 27 0.89 41.96 -18.64
N GLU B 28 1.28 43.19 -18.31
CA GLU B 28 1.90 43.46 -17.03
C GLU B 28 0.84 44.06 -16.12
N ASP B 29 1.01 43.86 -14.82
CA ASP B 29 0.04 44.35 -13.85
C ASP B 29 0.75 44.66 -12.54
N GLU B 30 -0.05 44.89 -11.50
CA GLU B 30 0.49 45.25 -10.19
C GLU B 30 1.35 44.13 -9.62
N ARG B 31 0.86 42.89 -9.69
CA ARG B 31 1.55 41.77 -9.07
C ARG B 31 2.58 41.10 -9.97
N GLY B 32 2.70 41.48 -11.24
CA GLY B 32 3.53 40.70 -12.14
C GLY B 32 3.13 40.78 -13.59
N TYR B 33 2.88 39.62 -14.22
CA TYR B 33 2.47 39.60 -15.62
C TYR B 33 1.75 38.28 -15.93
N PHE B 34 1.12 38.24 -17.10
CA PHE B 34 0.62 36.98 -17.62
C PHE B 34 0.65 37.03 -19.13
N TYR B 35 0.77 35.85 -19.74
CA TYR B 35 0.63 35.77 -21.19
C TYR B 35 0.22 34.36 -21.59
N GLU B 36 -0.42 34.29 -22.76
CA GLU B 36 -0.70 33.01 -23.41
C GLU B 36 0.56 32.60 -24.17
N LYS B 37 1.22 31.57 -23.68
CA LYS B 37 2.47 31.13 -24.29
C LYS B 37 2.21 30.44 -25.61
N TYR B 38 1.17 29.61 -25.68
CA TYR B 38 0.94 28.84 -26.90
C TYR B 38 -0.55 28.55 -27.03
N ASN B 39 -1.02 28.50 -28.26
CA ASN B 39 -2.43 28.20 -28.54
C ASN B 39 -2.46 27.41 -29.84
N GLU B 40 -2.88 26.14 -29.76
CA GLU B 40 -2.81 25.25 -30.93
C GLU B 40 -3.68 25.76 -32.07
N LYS B 41 -4.88 26.24 -31.76
CA LYS B 41 -5.78 26.70 -32.82
C LYS B 41 -5.18 27.89 -33.56
N LYS B 42 -4.64 28.85 -32.81
CA LYS B 42 -4.04 30.03 -33.45
C LYS B 42 -2.84 29.62 -34.30
N PHE B 43 -2.00 28.72 -33.78
CA PHE B 43 -0.81 28.27 -34.51
C PHE B 43 -1.19 27.58 -35.80
N GLU B 44 -2.16 26.67 -35.76
CA GLU B 44 -2.52 25.96 -36.99
C GLU B 44 -3.15 26.92 -38.00
N GLU B 45 -3.96 27.88 -37.52
CA GLU B 45 -4.55 28.84 -38.44
CA GLU B 45 -4.56 28.88 -38.41
C GLU B 45 -3.49 29.63 -39.17
N LEU B 46 -2.43 30.02 -38.47
CA LEU B 46 -1.41 30.84 -39.09
C LEU B 46 -0.48 30.03 -40.00
N THR B 47 -0.20 28.77 -39.67
CA THR B 47 0.86 28.06 -40.38
C THR B 47 0.39 26.98 -41.34
N GLY B 48 -0.83 26.49 -41.20
CA GLY B 48 -1.23 25.27 -41.89
C GLY B 48 -0.47 24.03 -41.43
N LEU B 49 0.31 24.13 -40.37
CA LEU B 49 1.07 22.99 -39.88
C LEU B 49 0.37 22.36 -38.69
N ASN B 50 0.79 21.13 -38.38
CA ASN B 50 0.33 20.47 -37.16
C ASN B 50 0.70 21.28 -35.91
N GLY B 51 -0.29 21.56 -35.07
CA GLY B 51 -0.03 22.26 -33.82
C GLY B 51 -0.21 21.39 -32.59
N HIS B 52 -0.40 20.08 -32.76
CA HIS B 52 -0.66 19.14 -31.64
C HIS B 52 0.67 18.62 -31.16
N PHE B 53 1.14 19.16 -30.03
CA PHE B 53 2.36 18.64 -29.41
C PHE B 53 2.00 17.56 -28.40
N VAL B 54 2.83 16.50 -28.35
CA VAL B 54 2.52 15.27 -27.61
C VAL B 54 3.51 14.96 -26.50
N GLN B 55 4.63 15.69 -26.44
CA GLN B 55 5.68 15.35 -25.47
C GLN B 55 6.37 16.65 -25.08
N ASP B 56 6.61 16.83 -23.80
CA ASP B 56 7.35 17.98 -23.29
C ASP B 56 8.56 17.45 -22.54
N ASN B 57 9.72 18.05 -22.81
CA ASN B 57 10.99 17.62 -22.25
C ASN B 57 11.69 18.80 -21.62
N ILE B 58 12.43 18.54 -20.55
CA ILE B 58 13.16 19.56 -19.82
C ILE B 58 14.60 19.09 -19.65
N SER B 59 15.56 19.99 -19.85
CA SER B 59 16.93 19.71 -19.46
C SER B 59 17.52 20.93 -18.78
N LYS B 60 18.43 20.68 -17.86
CA LYS B 60 19.22 21.73 -17.24
C LYS B 60 20.69 21.42 -17.47
N SER B 61 21.45 22.41 -17.95
CA SER B 61 22.85 22.16 -18.26
C SER B 61 23.70 23.38 -17.92
N SER B 62 25.01 23.16 -17.85
CA SER B 62 25.93 24.20 -17.42
CA SER B 62 25.93 24.20 -17.42
C SER B 62 26.53 24.94 -18.63
N TYR B 63 27.19 26.07 -18.34
CA TYR B 63 27.78 26.91 -19.38
C TYR B 63 28.63 26.11 -20.35
N GLY B 64 28.41 26.32 -21.63
CA GLY B 64 29.24 25.70 -22.63
C GLY B 64 28.77 24.34 -23.11
N VAL B 65 27.82 23.70 -22.41
CA VAL B 65 27.25 22.46 -22.90
C VAL B 65 26.55 22.73 -24.23
N LEU B 66 26.93 21.98 -25.26
CA LEU B 66 26.37 22.14 -26.59
C LEU B 66 25.84 20.78 -27.01
N ARG B 67 24.55 20.72 -27.35
CA ARG B 67 23.91 19.48 -27.77
CA ARG B 67 23.88 19.49 -27.76
C ARG B 67 23.38 19.67 -29.18
N GLY B 68 23.78 18.77 -30.08
CA GLY B 68 23.29 18.81 -31.45
C GLY B 68 24.34 18.40 -32.45
N LEU B 69 24.04 18.48 -33.76
CA LEU B 69 22.71 18.81 -34.26
C LEU B 69 21.88 17.52 -34.37
N HIS B 70 20.62 17.52 -33.87
CA HIS B 70 19.86 16.27 -33.78
C HIS B 70 18.55 16.32 -34.56
N LEU B 71 18.08 15.14 -34.95
CA LEU B 71 16.79 14.98 -35.62
C LEU B 71 16.36 13.52 -35.53
N GLN B 72 15.08 13.26 -35.83
CA GLN B 72 14.60 11.91 -36.06
C GLN B 72 14.15 11.82 -37.50
N LYS B 73 14.44 10.67 -38.12
CA LYS B 73 14.24 10.50 -39.55
C LYS B 73 12.83 10.05 -39.89
N GLY B 74 12.38 10.42 -41.09
CA GLY B 74 11.21 9.78 -41.70
C GLY B 74 9.93 10.06 -40.94
N LYS B 75 9.14 9.01 -40.74
CA LYS B 75 7.86 9.15 -40.07
C LYS B 75 8.01 9.46 -38.58
N HIS B 76 9.21 9.36 -38.02
CA HIS B 76 9.44 9.69 -36.62
C HIS B 76 9.92 11.13 -36.42
N ALA B 77 10.04 11.91 -37.49
CA ALA B 77 10.52 13.29 -37.36
C ALA B 77 9.67 14.07 -36.38
N GLN B 78 10.31 14.93 -35.58
CA GLN B 78 9.67 15.72 -34.53
C GLN B 78 9.81 17.20 -34.83
N ALA B 79 8.68 17.89 -34.97
CA ALA B 79 8.72 19.34 -34.86
C ALA B 79 8.94 19.71 -33.40
N LYS B 80 9.67 20.80 -33.18
CA LYS B 80 10.06 21.18 -31.82
C LYS B 80 9.71 22.62 -31.60
N LEU B 81 9.04 22.88 -30.47
CA LEU B 81 8.75 24.23 -30.03
C LEU B 81 9.59 24.45 -28.79
N VAL B 82 10.60 25.30 -28.89
CA VAL B 82 11.64 25.33 -27.85
C VAL B 82 11.70 26.70 -27.18
N SER B 83 12.08 26.70 -25.90
CA SER B 83 12.25 27.94 -25.17
C SER B 83 13.19 27.69 -23.99
N CYS B 84 13.60 28.78 -23.35
CA CYS B 84 14.55 28.74 -22.24
C CYS B 84 13.83 29.26 -21.00
N LEU B 85 13.67 28.41 -19.99
CA LEU B 85 12.92 28.78 -18.79
C LEU B 85 13.77 29.42 -17.72
N GLU B 86 15.09 29.28 -17.81
CA GLU B 86 15.99 29.85 -16.83
C GLU B 86 17.34 30.01 -17.53
N GLY B 87 17.95 31.18 -17.40
CA GLY B 87 19.25 31.41 -18.03
C GLY B 87 19.12 31.85 -19.48
N ARG B 88 20.15 31.55 -20.27
CA ARG B 88 20.25 31.95 -21.67
C ARG B 88 20.90 30.84 -22.49
N VAL B 89 20.33 30.55 -23.66
CA VAL B 89 20.94 29.63 -24.61
C VAL B 89 20.98 30.29 -25.98
N TRP B 90 21.87 29.78 -26.82
CA TRP B 90 21.91 30.09 -28.25
C TRP B 90 21.41 28.86 -28.97
N ASP B 91 20.33 29.00 -29.74
CA ASP B 91 19.65 27.87 -30.34
C ASP B 91 19.78 27.94 -31.86
N VAL B 92 20.04 26.79 -32.51
CA VAL B 92 20.27 26.77 -33.94
C VAL B 92 19.39 25.70 -34.60
N ALA B 93 18.80 26.06 -35.75
CA ALA B 93 18.05 25.15 -36.61
C ALA B 93 18.68 25.10 -38.00
N VAL B 94 18.61 23.92 -38.63
CA VAL B 94 19.14 23.70 -39.98
C VAL B 94 18.05 23.00 -40.78
N ASP B 95 17.68 23.58 -41.93
CA ASP B 95 16.67 22.97 -42.79
C ASP B 95 17.34 21.85 -43.59
N LEU B 96 16.88 20.61 -43.39
CA LEU B 96 17.47 19.48 -44.09
C LEU B 96 16.50 18.81 -45.05
N ARG B 97 15.41 19.50 -45.43
CA ARG B 97 14.45 18.95 -46.38
C ARG B 97 14.96 19.15 -47.81
N GLU B 98 15.17 18.05 -48.52
CA GLU B 98 15.82 18.15 -49.83
C GLU B 98 15.02 19.00 -50.82
N ASN B 99 13.71 19.03 -50.70
CA ASN B 99 12.89 19.80 -51.64
C ASN B 99 12.71 21.26 -51.22
N SER B 100 13.25 21.67 -50.07
CA SER B 100 12.98 23.01 -49.57
C SER B 100 13.88 24.03 -50.22
N GLU B 101 13.32 25.22 -50.50
CA GLU B 101 14.10 26.31 -51.04
CA GLU B 101 14.11 26.30 -51.04
C GLU B 101 15.16 26.79 -50.05
N THR B 102 15.02 26.47 -48.76
CA THR B 102 16.05 26.83 -47.79
C THR B 102 16.82 25.62 -47.30
N PHE B 103 16.84 24.52 -48.07
CA PHE B 103 17.65 23.36 -47.72
C PHE B 103 19.10 23.78 -47.49
N GLY B 104 19.68 23.29 -46.39
CA GLY B 104 21.07 23.53 -46.09
C GLY B 104 21.37 24.85 -45.43
N LYS B 105 20.36 25.68 -45.20
CA LYS B 105 20.55 26.96 -44.55
C LYS B 105 20.28 26.80 -43.06
N CYS B 106 20.90 27.68 -42.26
CA CYS B 106 20.82 27.59 -40.80
C CYS B 106 20.35 28.92 -40.24
N TYR B 107 19.79 28.87 -39.03
CA TYR B 107 19.42 30.10 -38.34
C TYR B 107 19.65 29.93 -36.85
N GLY B 108 20.26 30.92 -36.21
CA GLY B 108 20.46 30.84 -34.78
C GLY B 108 19.89 32.05 -34.07
N MET B 109 19.53 31.91 -32.79
CA MET B 109 18.97 33.03 -32.04
C MET B 109 19.11 32.74 -30.54
N GLU B 110 19.11 33.80 -29.75
CA GLU B 110 19.14 33.65 -28.30
C GLU B 110 17.73 33.45 -27.77
N LEU B 111 17.56 32.40 -26.96
CA LEU B 111 16.35 32.14 -26.19
C LEU B 111 16.72 32.29 -24.72
N SER B 112 15.92 33.04 -23.96
CA SER B 112 16.27 33.28 -22.57
C SER B 112 15.00 33.37 -21.74
N ALA B 113 15.16 33.23 -20.42
CA ALA B 113 14.04 33.45 -19.53
C ALA B 113 13.57 34.90 -19.63
N GLU B 114 14.51 35.82 -19.80
CA GLU B 114 14.15 37.22 -19.88
C GLU B 114 13.34 37.53 -21.14
N ASN B 115 13.76 37.02 -22.30
CA ASN B 115 13.07 37.43 -23.53
C ASN B 115 11.82 36.61 -23.84
N LYS B 116 11.63 35.47 -23.17
CA LYS B 116 10.39 34.68 -23.25
C LYS B 116 10.06 34.22 -24.66
N LEU B 117 11.03 34.24 -25.57
CA LEU B 117 10.75 33.84 -26.95
C LEU B 117 10.63 32.33 -27.07
N GLN B 118 9.89 31.90 -28.09
CA GLN B 118 9.87 30.50 -28.47
C GLN B 118 10.27 30.38 -29.94
N PHE B 119 10.80 29.22 -30.29
CA PHE B 119 11.37 28.97 -31.61
C PHE B 119 10.74 27.70 -32.13
N TYR B 120 10.08 27.78 -33.28
CA TYR B 120 9.41 26.59 -33.84
C TYR B 120 10.33 26.00 -34.91
N VAL B 121 10.73 24.75 -34.71
CA VAL B 121 11.62 24.04 -35.59
C VAL B 121 10.82 22.93 -36.27
N PRO B 122 10.53 23.03 -37.56
CA PRO B 122 9.66 22.03 -38.23
C PRO B 122 10.30 20.66 -38.29
N ARG B 123 9.47 19.65 -38.57
CA ARG B 123 9.95 18.36 -39.03
C ARG B 123 10.84 18.51 -40.26
N GLY B 124 11.87 17.68 -40.35
CA GLY B 124 12.83 17.75 -41.44
C GLY B 124 14.00 18.69 -41.18
N PHE B 125 14.07 19.28 -40.01
CA PHE B 125 15.16 20.14 -39.57
C PHE B 125 16.00 19.42 -38.55
N ALA B 126 17.26 19.84 -38.40
CA ALA B 126 18.05 19.46 -37.25
C ALA B 126 18.11 20.63 -36.29
N HIS B 127 18.35 20.33 -35.02
CA HIS B 127 18.27 21.34 -33.97
C HIS B 127 19.41 21.12 -32.97
N GLY B 128 19.88 22.22 -32.38
CA GLY B 128 20.83 22.12 -31.28
C GLY B 128 20.89 23.43 -30.53
N PHE B 129 21.58 23.42 -29.38
CA PHE B 129 21.72 24.65 -28.62
C PHE B 129 22.95 24.57 -27.74
N VAL B 130 23.43 25.74 -27.32
CA VAL B 130 24.56 25.82 -26.40
C VAL B 130 24.16 26.75 -25.26
N VAL B 131 24.60 26.42 -24.05
CA VAL B 131 24.24 27.19 -22.86
C VAL B 131 25.16 28.41 -22.77
N LEU B 132 24.57 29.60 -22.73
CA LEU B 132 25.36 30.83 -22.62
C LEU B 132 25.58 31.30 -21.19
N SER B 133 24.64 31.02 -20.28
CA SER B 133 24.78 31.46 -18.90
C SER B 133 25.44 30.38 -18.04
N GLU B 134 25.61 30.66 -16.74
CA GLU B 134 26.25 29.68 -15.87
C GLU B 134 25.53 28.34 -15.92
N THR B 135 24.21 28.36 -15.88
CA THR B 135 23.36 27.22 -16.16
C THR B 135 22.12 27.72 -16.88
N ALA B 136 21.43 26.80 -17.55
CA ALA B 136 20.20 27.15 -18.25
C ALA B 136 19.25 25.97 -18.18
N VAL B 137 17.96 26.28 -18.10
CA VAL B 137 16.91 25.28 -18.20
C VAL B 137 16.23 25.43 -19.55
N PHE B 138 16.21 24.34 -20.32
CA PHE B 138 15.76 24.34 -21.71
C PHE B 138 14.49 23.49 -21.78
N SER B 139 13.47 24.00 -22.48
CA SER B 139 12.19 23.31 -22.61
C SER B 139 11.97 22.99 -24.08
N TYR B 140 11.62 21.75 -24.38
CA TYR B 140 11.24 21.50 -25.76
C TYR B 140 10.03 20.58 -25.85
N LYS B 141 9.03 21.05 -26.58
CA LYS B 141 7.84 20.27 -26.88
C LYS B 141 8.02 19.67 -28.26
N CYS B 142 7.64 18.40 -28.40
CA CYS B 142 7.79 17.68 -29.65
C CYS B 142 6.42 17.27 -30.15
N ASP B 143 6.22 17.34 -31.47
CA ASP B 143 4.98 16.87 -32.07
C ASP B 143 5.06 15.44 -32.54
N ASN B 144 6.04 14.68 -32.07
CA ASN B 144 6.10 13.25 -32.37
C ASN B 144 6.91 12.60 -31.26
N PHE B 145 6.81 11.27 -31.17
CA PHE B 145 7.41 10.57 -30.04
C PHE B 145 8.85 10.14 -30.30
N TYR B 146 9.59 9.97 -29.21
CA TYR B 146 10.96 9.49 -29.24
C TYR B 146 11.07 8.16 -29.98
N ASN B 147 12.10 8.03 -30.81
CA ASN B 147 12.42 6.74 -31.43
C ASN B 147 13.93 6.68 -31.67
N LYS B 148 14.61 5.82 -30.89
CA LYS B 148 16.07 5.77 -30.93
C LYS B 148 16.59 5.38 -32.31
N GLU B 149 15.98 4.36 -32.90
CA GLU B 149 16.47 3.84 -34.17
C GLU B 149 16.40 4.88 -35.28
N SER B 150 15.46 5.82 -35.20
CA SER B 150 15.25 6.79 -36.26
C SER B 150 16.20 7.97 -36.18
N GLU B 151 17.05 8.04 -35.17
CA GLU B 151 17.84 9.24 -34.94
C GLU B 151 18.81 9.51 -36.07
N GLY B 152 18.92 10.79 -36.44
CA GLY B 152 19.94 11.28 -37.34
C GLY B 152 20.71 12.39 -36.64
N SER B 153 21.74 12.86 -37.33
CA SER B 153 22.59 13.89 -36.73
C SER B 153 23.45 14.54 -37.80
N VAL B 154 23.87 15.78 -37.50
CA VAL B 154 24.83 16.53 -38.29
C VAL B 154 25.86 17.11 -37.33
N LYS B 155 27.14 16.95 -37.65
CA LYS B 155 28.22 17.52 -36.85
C LYS B 155 28.03 19.03 -36.63
N PHE B 156 28.04 19.44 -35.36
CA PHE B 156 27.65 20.82 -35.04
C PHE B 156 28.56 21.84 -35.73
N ASN B 157 29.84 21.52 -35.89
CA ASN B 157 30.77 22.50 -36.48
C ASN B 157 31.13 22.15 -37.93
N ASP B 158 30.23 21.45 -38.61
CA ASP B 158 30.41 21.14 -40.02
C ASP B 158 30.81 22.39 -40.78
N SER B 159 31.85 22.27 -41.59
CA SER B 159 32.41 23.43 -42.29
C SER B 159 31.52 23.91 -43.44
N ASP B 160 30.68 23.05 -44.02
CA ASP B 160 29.76 23.54 -45.04
C ASP B 160 28.70 24.44 -44.41
N LEU B 161 28.20 24.07 -43.23
CA LEU B 161 27.21 24.91 -42.57
C LEU B 161 27.83 26.12 -41.90
N SER B 162 29.05 25.99 -41.36
CA SER B 162 29.79 27.10 -40.75
CA SER B 162 29.78 27.09 -40.76
C SER B 162 28.92 27.87 -39.75
N ILE B 163 28.26 27.12 -38.86
CA ILE B 163 27.39 27.74 -37.85
C ILE B 163 28.23 28.53 -36.86
N ASP B 164 27.76 29.74 -36.51
CA ASP B 164 28.34 30.52 -35.43
C ASP B 164 27.65 30.13 -34.13
N TRP B 165 28.37 29.45 -33.24
CA TRP B 165 27.81 29.02 -31.96
C TRP B 165 28.10 29.99 -30.83
N LYS B 166 28.65 31.17 -31.14
CA LYS B 166 28.77 32.30 -30.22
C LYS B 166 29.84 32.21 -29.13
N ILE B 167 29.96 31.08 -28.45
CA ILE B 167 30.93 31.00 -27.36
C ILE B 167 32.27 30.47 -27.86
N PRO B 168 33.36 30.64 -27.11
CA PRO B 168 34.65 30.11 -27.56
C PRO B 168 34.61 28.59 -27.69
N GLU B 169 35.23 28.08 -28.75
CA GLU B 169 35.25 26.63 -28.96
C GLU B 169 35.87 25.92 -27.77
N ALA B 170 36.87 26.53 -27.13
CA ALA B 170 37.50 25.90 -25.97
C ALA B 170 36.54 25.74 -24.80
N ASP B 171 35.46 26.52 -24.75
CA ASP B 171 34.47 26.39 -23.68
C ASP B 171 33.41 25.33 -23.96
N MET B 172 33.33 24.78 -25.17
CA MET B 172 32.26 23.86 -25.52
C MET B 172 32.47 22.48 -24.90
N ILE B 173 31.39 21.94 -24.35
CA ILE B 173 31.37 20.62 -23.74
C ILE B 173 30.40 19.76 -24.56
N LEU B 174 30.91 18.71 -25.19
CA LEU B 174 30.13 17.89 -26.09
C LEU B 174 30.18 16.44 -25.67
N SER B 175 29.04 15.75 -25.79
CA SER B 175 29.01 14.31 -25.56
C SER B 175 29.86 13.62 -26.62
N GLU B 176 30.27 12.38 -26.31
CA GLU B 176 31.05 11.61 -27.28
C GLU B 176 30.28 11.46 -28.59
N LYS B 177 28.98 11.15 -28.49
CA LYS B 177 28.18 11.00 -29.70
C LYS B 177 28.20 12.26 -30.55
N ASP B 178 27.99 13.42 -29.92
CA ASP B 178 27.96 14.67 -30.71
C ASP B 178 29.35 15.02 -31.23
N GLN B 179 30.42 14.63 -30.53
CA GLN B 179 31.77 14.88 -31.03
C GLN B 179 32.04 14.10 -32.33
N ASN B 180 31.32 13.02 -32.57
CA ASN B 180 31.60 12.13 -33.68
C ASN B 180 30.48 12.11 -34.72
N ALA B 181 29.53 13.05 -34.66
CA ALA B 181 28.41 13.05 -35.60
C ALA B 181 28.91 13.19 -37.04
N PRO B 182 28.24 12.55 -37.98
CA PRO B 182 28.69 12.62 -39.38
C PRO B 182 28.54 14.02 -39.95
N ALA B 183 29.37 14.32 -40.94
CA ALA B 183 29.33 15.63 -41.60
C ALA B 183 27.99 15.82 -42.32
N PHE B 184 27.67 17.10 -42.57
CA PHE B 184 26.45 17.42 -43.31
C PHE B 184 26.43 16.69 -44.66
N LYS B 185 27.56 16.61 -45.36
CA LYS B 185 27.55 16.02 -46.68
C LYS B 185 27.44 14.49 -46.64
N ASP B 186 27.62 13.86 -45.48
CA ASP B 186 27.42 12.42 -45.34
C ASP B 186 25.95 12.02 -45.20
N LYS B 187 25.05 12.99 -44.98
CA LYS B 187 23.61 12.77 -45.05
C LYS B 187 23.11 11.71 -44.06
N ASN B 188 23.42 11.92 -42.78
CA ASN B 188 22.82 11.08 -41.73
C ASN B 188 21.46 11.65 -41.35
N TYR B 189 20.58 11.83 -42.32
CA TYR B 189 19.27 12.41 -42.06
C TYR B 189 18.28 12.00 -43.16
N HIS C 7 5.52 10.74 4.97
CA HIS C 7 4.32 10.37 5.71
C HIS C 7 3.13 9.94 4.82
N HIS C 8 2.85 10.69 3.75
CA HIS C 8 1.75 10.33 2.85
C HIS C 8 1.96 8.97 2.20
N MET C 9 0.87 8.22 2.07
CA MET C 9 0.93 6.99 1.30
C MET C 9 1.04 7.31 -0.17
N LYS C 10 1.84 6.53 -0.90
CA LYS C 10 2.05 6.80 -2.32
C LYS C 10 1.47 5.63 -3.11
N LEU C 11 0.34 5.88 -3.77
CA LEU C 11 -0.30 4.93 -4.67
C LEU C 11 -0.04 5.39 -6.10
N VAL C 12 0.50 4.51 -6.92
CA VAL C 12 0.91 4.81 -8.28
C VAL C 12 -0.10 4.15 -9.23
N LYS C 13 -0.62 4.93 -10.18
CA LYS C 13 -1.62 4.47 -11.13
C LYS C 13 -1.07 3.36 -12.03
N THR C 14 -1.94 2.40 -12.40
CA THR C 14 -1.66 1.48 -13.50
C THR C 14 -2.72 1.67 -14.57
N PRO C 15 -2.60 1.04 -15.75
CA PRO C 15 -3.66 1.18 -16.75
C PRO C 15 -4.97 0.55 -16.35
N LEU C 16 -5.04 -0.19 -15.24
CA LEU C 16 -6.30 -0.82 -14.87
C LEU C 16 -6.96 0.00 -13.77
N LYS C 17 -8.23 0.32 -13.96
CA LYS C 17 -8.94 1.16 -13.01
C LYS C 17 -8.97 0.52 -11.62
N ASP C 18 -8.64 1.31 -10.60
CA ASP C 18 -8.63 0.94 -9.18
C ASP C 18 -7.49 0.03 -8.80
N CYS C 19 -6.59 -0.31 -9.71
CA CYS C 19 -5.50 -1.23 -9.44
C CYS C 19 -4.24 -0.38 -9.23
N TYR C 20 -3.61 -0.48 -8.06
CA TYR C 20 -2.52 0.45 -7.74
C TYR C 20 -1.27 -0.28 -7.28
N ILE C 21 -0.15 0.38 -7.50
CA ILE C 21 1.11 0.01 -6.88
C ILE C 21 1.29 0.88 -5.65
N ILE C 22 1.60 0.26 -4.50
CA ILE C 22 1.96 1.02 -3.31
C ILE C 22 3.46 1.12 -3.23
N GLU C 23 3.97 2.35 -3.28
CA GLU C 23 5.38 2.61 -3.21
C GLU C 23 5.72 3.07 -1.80
N PRO C 24 6.57 2.37 -1.07
CA PRO C 24 6.81 2.74 0.32
C PRO C 24 7.79 3.90 0.41
N THR C 25 7.67 4.66 1.50
CA THR C 25 8.64 5.69 1.83
C THR C 25 9.57 5.07 2.85
N VAL C 26 10.75 4.67 2.39
CA VAL C 26 11.70 3.90 3.20
C VAL C 26 12.70 4.84 3.82
N PHE C 27 12.79 4.80 5.14
CA PHE C 27 13.82 5.56 5.86
C PHE C 27 14.99 4.61 6.10
N GLU C 28 16.15 4.97 5.57
CA GLU C 28 17.33 4.11 5.58
C GLU C 28 18.38 4.65 6.56
N ASP C 29 19.25 3.74 7.02
CA ASP C 29 20.41 3.99 7.91
C ASP C 29 20.07 4.24 9.38
N ARG C 31 21.84 1.53 10.31
CA ARG C 31 22.17 0.11 10.27
C ARG C 31 20.96 -0.73 9.80
N GLY C 32 20.20 -0.19 8.85
CA GLY C 32 19.02 -0.86 8.34
C GLY C 32 18.01 0.11 7.76
N TYR C 33 16.72 -0.11 8.02
CA TYR C 33 15.68 0.75 7.50
C TYR C 33 14.38 0.53 8.28
N PHE C 34 13.43 1.43 8.05
CA PHE C 34 12.06 1.20 8.50
C PHE C 34 11.10 1.92 7.57
N TYR C 35 9.87 1.42 7.51
CA TYR C 35 8.84 2.08 6.75
C TYR C 35 7.46 1.60 7.20
N GLU C 36 6.48 2.45 6.96
CA GLU C 36 5.06 2.08 7.12
C GLU C 36 4.61 1.37 5.85
N LYS C 37 4.36 0.08 5.96
CA LYS C 37 4.01 -0.69 4.77
C LYS C 37 2.58 -0.40 4.33
N TYR C 38 1.65 -0.29 5.27
CA TYR C 38 0.25 -0.11 4.92
C TYR C 38 -0.46 0.67 6.00
N ASN C 39 -1.43 1.48 5.59
CA ASN C 39 -2.21 2.29 6.53
C ASN C 39 -3.63 2.36 5.98
N GLU C 40 -4.58 1.76 6.71
CA GLU C 40 -5.95 1.64 6.21
C GLU C 40 -6.61 3.01 6.00
N LYS C 41 -6.41 3.94 6.93
CA LYS C 41 -7.03 5.25 6.80
C LYS C 41 -6.53 5.99 5.56
N LYS C 42 -5.21 5.99 5.35
CA LYS C 42 -4.67 6.68 4.17
C LYS C 42 -5.16 6.01 2.89
N PHE C 43 -5.18 4.68 2.86
CA PHE C 43 -5.64 3.95 1.67
C PHE C 43 -7.10 4.27 1.35
N GLU C 44 -7.97 4.26 2.36
CA GLU C 44 -9.37 4.56 2.07
C GLU C 44 -9.56 6.01 1.65
N GLU C 45 -8.82 6.94 2.26
CA GLU C 45 -8.93 8.34 1.86
C GLU C 45 -8.50 8.52 0.41
N LEU C 46 -7.47 7.79 -0.01
CA LEU C 46 -6.96 7.97 -1.37
C LEU C 46 -7.85 7.32 -2.42
N THR C 47 -8.46 6.18 -2.10
CA THR C 47 -9.14 5.40 -3.13
C THR C 47 -10.65 5.39 -3.04
N GLY C 48 -11.23 5.75 -1.89
CA GLY C 48 -12.63 5.49 -1.66
C GLY C 48 -13.00 4.03 -1.62
N LEU C 49 -12.02 3.13 -1.59
CA LEU C 49 -12.29 1.70 -1.54
C LEU C 49 -12.14 1.17 -0.13
N ASN C 50 -12.69 -0.03 0.09
CA ASN C 50 -12.51 -0.70 1.37
C ASN C 50 -11.03 -0.94 1.64
N GLY C 51 -10.55 -0.50 2.80
CA GLY C 51 -9.17 -0.79 3.17
C GLY C 51 -9.03 -1.78 4.31
N HIS C 52 -10.12 -2.44 4.72
CA HIS C 52 -10.11 -3.36 5.85
C HIS C 52 -9.77 -4.76 5.34
N PHE C 53 -8.53 -5.19 5.55
CA PHE C 53 -8.11 -6.55 5.22
C PHE C 53 -8.33 -7.50 6.41
N VAL C 54 -8.81 -8.71 6.11
CA VAL C 54 -9.24 -9.64 7.15
C VAL C 54 -8.44 -10.94 7.17
N GLN C 55 -7.57 -11.17 6.20
CA GLN C 55 -6.85 -12.43 6.15
C GLN C 55 -5.49 -12.19 5.51
N ASP C 56 -4.45 -12.79 6.09
CA ASP C 56 -3.07 -12.69 5.60
CA ASP C 56 -3.08 -12.69 5.57
C ASP C 56 -2.56 -14.09 5.34
N ASN C 57 -2.06 -14.34 4.13
CA ASN C 57 -1.62 -15.66 3.71
C ASN C 57 -0.17 -15.58 3.24
N ILE C 58 0.57 -16.64 3.47
CA ILE C 58 1.97 -16.71 3.11
C ILE C 58 2.18 -18.00 2.32
N SER C 59 2.95 -17.94 1.24
CA SER C 59 3.41 -19.17 0.61
C SER C 59 4.87 -19.03 0.22
N LYS C 60 5.58 -20.15 0.21
CA LYS C 60 6.94 -20.21 -0.31
C LYS C 60 6.94 -21.25 -1.42
N SER C 61 7.49 -20.88 -2.58
CA SER C 61 7.50 -21.76 -3.75
CA SER C 61 7.52 -21.79 -3.72
C SER C 61 8.80 -21.59 -4.52
N SER C 62 9.09 -22.57 -5.38
CA SER C 62 10.34 -22.62 -6.13
C SER C 62 10.21 -21.97 -7.50
N TYR C 63 11.38 -21.67 -8.09
CA TYR C 63 11.49 -21.10 -9.43
C TYR C 63 10.51 -21.74 -10.40
N GLY C 64 9.75 -20.90 -11.12
CA GLY C 64 8.89 -21.39 -12.16
C GLY C 64 7.50 -21.80 -11.71
N VAL C 65 7.28 -21.95 -10.40
CA VAL C 65 5.92 -22.21 -9.93
C VAL C 65 5.04 -21.05 -10.32
N LEU C 66 3.95 -21.36 -11.02
CA LEU C 66 3.00 -20.35 -11.48
C LEU C 66 1.60 -20.72 -10.97
N ARG C 67 0.96 -19.78 -10.28
CA ARG C 67 -0.36 -19.98 -9.71
C ARG C 67 -1.30 -18.93 -10.27
N GLY C 68 -2.47 -19.38 -10.78
CA GLY C 68 -3.49 -18.47 -11.26
C GLY C 68 -4.06 -18.96 -12.58
N LEU C 69 -4.93 -18.15 -13.20
CA LEU C 69 -5.43 -16.91 -12.66
C LEU C 69 -6.64 -17.21 -11.78
N HIS C 70 -6.70 -16.65 -10.56
CA HIS C 70 -7.73 -17.04 -9.62
C HIS C 70 -8.56 -15.84 -9.19
N LEU C 71 -9.79 -16.12 -8.75
CA LEU C 71 -10.67 -15.12 -8.19
C LEU C 71 -11.78 -15.83 -7.42
N GLN C 72 -12.51 -15.05 -6.63
CA GLN C 72 -13.77 -15.51 -6.06
C GLN C 72 -14.89 -14.64 -6.61
N LYS C 73 -16.03 -15.26 -6.93
CA LYS C 73 -17.11 -14.60 -7.64
C LYS C 73 -18.04 -13.84 -6.70
N GLY C 74 -18.62 -12.77 -7.23
CA GLY C 74 -19.78 -12.15 -6.59
C GLY C 74 -19.45 -11.54 -5.24
N LYS C 75 -20.34 -11.79 -4.26
CA LYS C 75 -20.19 -11.19 -2.94
C LYS C 75 -19.03 -11.76 -2.15
N HIS C 76 -18.41 -12.82 -2.65
CA HIS C 76 -17.23 -13.42 -2.02
C HIS C 76 -15.93 -12.92 -2.63
N ALA C 77 -15.99 -12.00 -3.58
CA ALA C 77 -14.77 -11.52 -4.25
C ALA C 77 -13.81 -10.95 -3.21
N GLN C 78 -12.53 -11.18 -3.42
CA GLN C 78 -11.49 -10.77 -2.49
C GLN C 78 -10.59 -9.77 -3.19
N ALA C 79 -10.52 -8.56 -2.66
CA ALA C 79 -9.42 -7.67 -3.05
C ALA C 79 -8.14 -8.18 -2.42
N LYS C 80 -7.01 -8.05 -3.12
CA LYS C 80 -5.75 -8.62 -2.66
C LYS C 80 -4.67 -7.54 -2.65
N LEU C 81 -3.94 -7.45 -1.55
CA LEU C 81 -2.78 -6.60 -1.45
C LEU C 81 -1.59 -7.53 -1.32
N VAL C 82 -0.77 -7.60 -2.36
CA VAL C 82 0.23 -8.66 -2.47
C VAL C 82 1.63 -8.06 -2.50
N SER C 83 2.61 -8.84 -2.02
CA SER C 83 4.00 -8.43 -2.06
C SER C 83 4.89 -9.66 -1.96
N CYS C 84 6.18 -9.45 -2.21
CA CYS C 84 7.15 -10.54 -2.18
C CYS C 84 8.13 -10.26 -1.04
N LEU C 85 8.15 -11.15 -0.04
CA LEU C 85 8.96 -10.95 1.16
C LEU C 85 10.37 -11.48 1.02
N GLU C 86 10.60 -12.39 0.08
CA GLU C 86 11.91 -12.95 -0.18
C GLU C 86 11.95 -13.37 -1.65
N GLY C 87 13.02 -13.04 -2.36
CA GLY C 87 13.12 -13.41 -3.76
C GLY C 87 12.38 -12.43 -4.69
N ARG C 88 11.92 -12.96 -5.82
CA ARG C 88 11.29 -12.16 -6.85
C ARG C 88 10.18 -12.96 -7.50
N VAL C 89 9.04 -12.32 -7.75
CA VAL C 89 7.96 -12.92 -8.52
C VAL C 89 7.48 -11.93 -9.59
N TRP C 90 6.85 -12.47 -10.62
CA TRP C 90 6.15 -11.66 -11.61
C TRP C 90 4.67 -11.82 -11.36
N ASP C 91 3.99 -10.73 -11.07
CA ASP C 91 2.62 -10.76 -10.61
C ASP C 91 1.71 -10.13 -11.66
N VAL C 92 0.56 -10.78 -11.91
CA VAL C 92 -0.34 -10.34 -12.99
C VAL C 92 -1.76 -10.18 -12.47
N ALA C 93 -2.39 -9.07 -12.87
CA ALA C 93 -3.78 -8.79 -12.56
C ALA C 93 -4.57 -8.64 -13.86
N VAL C 94 -5.82 -9.10 -13.86
CA VAL C 94 -6.72 -9.05 -15.01
C VAL C 94 -8.04 -8.47 -14.56
N ASP C 95 -8.47 -7.40 -15.21
CA ASP C 95 -9.75 -6.78 -14.89
C ASP C 95 -10.88 -7.58 -15.55
N LEU C 96 -11.78 -8.16 -14.74
CA LEU C 96 -12.87 -8.96 -15.29
C LEU C 96 -14.24 -8.35 -15.01
N ARG C 97 -14.28 -7.07 -14.66
CA ARG C 97 -15.55 -6.41 -14.38
C ARG C 97 -16.20 -5.98 -15.69
N GLU C 98 -17.40 -6.51 -15.97
CA GLU C 98 -18.02 -6.28 -17.29
C GLU C 98 -18.28 -4.81 -17.57
N ASN C 99 -18.59 -4.04 -16.52
CA ASN C 99 -18.85 -2.61 -16.60
C ASN C 99 -17.59 -1.77 -16.83
N SER C 100 -16.41 -2.34 -16.58
CA SER C 100 -15.19 -1.54 -16.49
C SER C 100 -14.67 -1.16 -17.87
N GLU C 101 -14.24 0.10 -17.99
CA GLU C 101 -13.59 0.53 -19.22
C GLU C 101 -12.32 -0.27 -19.51
N THR C 102 -11.68 -0.86 -18.49
CA THR C 102 -10.53 -1.73 -18.71
C THR C 102 -10.87 -3.22 -18.60
N PHE C 103 -12.14 -3.61 -18.76
CA PHE C 103 -12.48 -5.02 -18.80
C PHE C 103 -11.65 -5.77 -19.81
N GLY C 104 -11.13 -6.92 -19.40
CA GLY C 104 -10.37 -7.78 -20.27
C GLY C 104 -8.91 -7.40 -20.42
N LYS C 105 -8.46 -6.33 -19.77
CA LYS C 105 -7.09 -5.87 -19.85
C LYS C 105 -6.27 -6.42 -18.69
N CYS C 106 -4.95 -6.55 -18.90
CA CYS C 106 -4.08 -7.15 -17.91
C CYS C 106 -2.93 -6.21 -17.59
N TYR C 107 -2.35 -6.42 -16.43
CA TYR C 107 -1.17 -5.67 -16.04
C TYR C 107 -0.26 -6.56 -15.21
N GLY C 108 1.02 -6.56 -15.51
CA GLY C 108 1.97 -7.37 -14.76
C GLY C 108 3.13 -6.54 -14.28
N MET C 109 3.75 -6.99 -13.19
CA MET C 109 4.86 -6.25 -12.63
C MET C 109 5.69 -7.16 -11.73
N GLU C 110 6.97 -6.78 -11.56
CA GLU C 110 7.84 -7.52 -10.65
C GLU C 110 7.65 -7.03 -9.22
N LEU C 111 7.39 -7.96 -8.32
CA LEU C 111 7.40 -7.73 -6.88
C LEU C 111 8.58 -8.48 -6.28
N SER C 112 9.34 -7.81 -5.42
CA SER C 112 10.55 -8.43 -4.90
C SER C 112 10.82 -7.95 -3.49
N ALA C 113 11.63 -8.74 -2.78
CA ALA C 113 12.10 -8.33 -1.46
C ALA C 113 12.89 -7.04 -1.56
N GLU C 114 13.65 -6.89 -2.64
CA GLU C 114 14.47 -5.71 -2.82
C GLU C 114 13.63 -4.46 -3.08
N ASN C 115 12.60 -4.55 -3.95
CA ASN C 115 11.88 -3.33 -4.30
C ASN C 115 10.77 -2.98 -3.33
N LYS C 116 10.38 -3.89 -2.44
CA LYS C 116 9.43 -3.62 -1.34
C LYS C 116 8.07 -3.13 -1.83
N LEU C 117 7.76 -3.33 -3.11
CA LEU C 117 6.49 -2.86 -3.65
C LEU C 117 5.33 -3.75 -3.24
N GLN C 118 4.14 -3.16 -3.20
CA GLN C 118 2.91 -3.91 -3.04
C GLN C 118 2.00 -3.60 -4.21
N PHE C 119 1.12 -4.54 -4.51
CA PHE C 119 0.25 -4.45 -5.67
C PHE C 119 -1.15 -4.69 -5.16
N TYR C 120 -2.05 -3.72 -5.39
CA TYR C 120 -3.44 -3.82 -4.93
C TYR C 120 -4.32 -4.27 -6.09
N VAL C 121 -4.93 -5.44 -5.94
CA VAL C 121 -5.75 -6.09 -6.96
C VAL C 121 -7.21 -6.02 -6.52
N PRO C 122 -8.03 -5.20 -7.15
CA PRO C 122 -9.40 -4.99 -6.67
C PRO C 122 -10.27 -6.24 -6.76
N ARG C 123 -11.39 -6.18 -6.04
CA ARG C 123 -12.46 -7.13 -6.28
C ARG C 123 -12.89 -7.05 -7.73
N GLY C 124 -13.23 -8.21 -8.32
CA GLY C 124 -13.61 -8.28 -9.71
C GLY C 124 -12.46 -8.53 -10.67
N PHE C 125 -11.25 -8.70 -10.15
CA PHE C 125 -10.06 -9.03 -10.93
C PHE C 125 -9.71 -10.49 -10.69
N ALA C 126 -8.99 -11.06 -11.65
CA ALA C 126 -8.28 -12.32 -11.44
C ALA C 126 -6.83 -12.00 -11.18
N HIS C 127 -6.14 -12.91 -10.49
CA HIS C 127 -4.76 -12.65 -10.05
C HIS C 127 -3.94 -13.94 -10.18
N GLY C 128 -2.65 -13.77 -10.50
CA GLY C 128 -1.71 -14.88 -10.49
C GLY C 128 -0.28 -14.36 -10.41
N PHE C 129 0.67 -15.27 -10.19
CA PHE C 129 2.08 -14.90 -10.14
C PHE C 129 2.94 -16.10 -10.49
N VAL C 130 4.18 -15.80 -10.88
CA VAL C 130 5.16 -16.84 -11.14
C VAL C 130 6.45 -16.48 -10.43
N VAL C 131 7.12 -17.49 -9.88
CA VAL C 131 8.33 -17.29 -9.11
C VAL C 131 9.50 -17.14 -10.09
N LEU C 132 10.21 -16.03 -10.00
CA LEU C 132 11.35 -15.75 -10.87
C LEU C 132 12.70 -16.12 -10.28
N SER C 133 12.84 -16.09 -8.95
CA SER C 133 14.09 -16.39 -8.28
C SER C 133 14.12 -17.89 -7.95
N GLU C 134 15.23 -18.35 -7.36
CA GLU C 134 15.32 -19.76 -7.02
C GLU C 134 14.17 -20.19 -6.12
N THR C 135 13.85 -19.38 -5.13
CA THR C 135 12.63 -19.52 -4.34
C THR C 135 12.15 -18.13 -4.02
N ALA C 136 10.87 -18.02 -3.66
CA ALA C 136 10.27 -16.76 -3.30
C ALA C 136 9.24 -17.00 -2.21
N VAL C 137 9.12 -16.04 -1.29
CA VAL C 137 8.05 -16.05 -0.30
C VAL C 137 7.07 -14.97 -0.71
N PHE C 138 5.81 -15.36 -0.87
CA PHE C 138 4.76 -14.50 -1.41
C PHE C 138 3.76 -14.20 -0.30
N SER C 139 3.37 -12.94 -0.16
CA SER C 139 2.41 -12.56 0.87
C SER C 139 1.17 -11.97 0.22
N TYR C 140 -0.01 -12.44 0.60
CA TYR C 140 -1.20 -11.79 0.10
C TYR C 140 -2.25 -11.61 1.19
N LYS C 141 -2.71 -10.37 1.34
CA LYS C 141 -3.80 -10.03 2.24
C LYS C 141 -5.08 -9.93 1.43
N CYS C 142 -6.17 -10.46 1.98
CA CYS C 142 -7.45 -10.44 1.30
C CYS C 142 -8.46 -9.65 2.11
N ASP C 143 -9.32 -8.89 1.43
CA ASP C 143 -10.37 -8.15 2.14
C ASP C 143 -11.69 -8.90 2.20
N ASN C 144 -11.68 -10.22 1.96
CA ASN C 144 -12.87 -11.05 2.12
C ASN C 144 -12.41 -12.47 2.40
N PHE C 145 -13.31 -13.29 2.92
CA PHE C 145 -12.94 -14.62 3.38
C PHE C 145 -13.04 -15.66 2.25
N TYR C 146 -12.27 -16.73 2.42
CA TYR C 146 -12.28 -17.88 1.52
C TYR C 146 -13.68 -18.45 1.38
N ASN C 147 -14.05 -18.79 0.14
CA ASN C 147 -15.32 -19.47 -0.11
C ASN C 147 -15.10 -20.36 -1.32
N LYS C 148 -15.09 -21.67 -1.10
CA LYS C 148 -14.76 -22.59 -2.18
C LYS C 148 -15.78 -22.51 -3.31
N GLU C 149 -17.07 -22.47 -2.96
CA GLU C 149 -18.10 -22.54 -4.00
C GLU C 149 -18.00 -21.36 -4.95
N SER C 150 -17.49 -20.23 -4.47
CA SER C 150 -17.41 -19.02 -5.27
C SER C 150 -16.21 -18.99 -6.20
N GLU C 151 -15.33 -19.99 -6.15
CA GLU C 151 -14.08 -19.86 -6.87
C GLU C 151 -14.30 -19.83 -8.38
N GLY C 152 -13.59 -18.91 -9.03
CA GLY C 152 -13.50 -18.86 -10.47
C GLY C 152 -12.04 -18.89 -10.90
N SER C 153 -11.82 -18.98 -12.21
CA SER C 153 -10.45 -19.09 -12.72
C SER C 153 -10.44 -18.83 -14.22
N VAL C 154 -9.28 -18.39 -14.70
CA VAL C 154 -9.01 -18.21 -16.13
C VAL C 154 -7.66 -18.83 -16.45
N LYS C 155 -7.60 -19.61 -17.52
CA LYS C 155 -6.36 -20.21 -17.97
C LYS C 155 -5.26 -19.17 -18.11
N PHE C 156 -4.13 -19.42 -17.45
CA PHE C 156 -3.09 -18.40 -17.35
C PHE C 156 -2.59 -17.97 -18.72
N ASN C 157 -2.52 -18.90 -19.69
CA ASN C 157 -1.99 -18.56 -21.00
C ASN C 157 -3.09 -18.44 -22.05
N ASP C 158 -4.30 -18.09 -21.63
CA ASP C 158 -5.39 -17.85 -22.57
C ASP C 158 -4.95 -16.92 -23.70
N SER C 159 -5.24 -17.32 -24.94
CA SER C 159 -4.74 -16.59 -26.09
C SER C 159 -5.40 -15.22 -26.29
N ASP C 160 -6.63 -15.01 -25.80
CA ASP C 160 -7.25 -13.70 -25.88
C ASP C 160 -6.55 -12.69 -24.97
N LEU C 161 -6.15 -13.14 -23.78
CA LEU C 161 -5.44 -12.27 -22.86
C LEU C 161 -3.97 -12.09 -23.25
N SER C 162 -3.33 -13.15 -23.75
CA SER C 162 -1.95 -13.11 -24.24
CA SER C 162 -1.96 -13.09 -24.25
C SER C 162 -1.01 -12.50 -23.20
N ILE C 163 -1.11 -12.98 -21.97
CA ILE C 163 -0.25 -12.47 -20.91
C ILE C 163 1.18 -12.91 -21.13
N ASP C 164 2.14 -11.99 -20.94
CA ASP C 164 3.56 -12.31 -20.94
C ASP C 164 3.94 -12.72 -19.52
N TRP C 165 4.24 -14.01 -19.30
CA TRP C 165 4.61 -14.50 -17.98
C TRP C 165 6.13 -14.55 -17.75
N LYS C 166 6.92 -14.02 -18.68
CA LYS C 166 8.37 -13.76 -18.57
C LYS C 166 9.27 -14.99 -18.69
N ILE C 167 8.95 -16.11 -18.03
CA ILE C 167 9.85 -17.25 -18.07
C ILE C 167 9.45 -18.20 -19.20
N PRO C 168 10.34 -19.10 -19.63
CA PRO C 168 9.95 -20.06 -20.68
C PRO C 168 8.86 -20.98 -20.17
N GLU C 169 7.90 -21.30 -21.06
CA GLU C 169 6.81 -22.18 -20.66
C GLU C 169 7.35 -23.51 -20.17
N ALA C 170 8.46 -23.97 -20.73
CA ALA C 170 9.03 -25.24 -20.31
C ALA C 170 9.46 -25.24 -18.85
N ASP C 171 9.73 -24.07 -18.26
CA ASP C 171 10.13 -23.96 -16.86
C ASP C 171 8.93 -23.87 -15.90
N MET C 172 7.72 -23.69 -16.41
CA MET C 172 6.56 -23.44 -15.55
C MET C 172 6.10 -24.70 -14.84
N ILE C 173 5.77 -24.55 -13.56
CA ILE C 173 5.26 -25.62 -12.74
C ILE C 173 3.84 -25.24 -12.35
N LEU C 174 2.87 -26.03 -12.81
CA LEU C 174 1.46 -25.67 -12.63
C LEU C 174 0.71 -26.80 -11.93
N SER C 175 -0.21 -26.43 -11.05
CA SER C 175 -1.10 -27.40 -10.44
C SER C 175 -1.98 -28.04 -11.51
N GLU C 176 -2.56 -29.19 -11.16
CA GLU C 176 -3.49 -29.84 -12.09
C GLU C 176 -4.63 -28.89 -12.44
N LYS C 177 -5.22 -28.26 -11.44
CA LYS C 177 -6.32 -27.33 -11.69
C LYS C 177 -5.88 -26.20 -12.63
N ASP C 178 -4.73 -25.59 -12.35
CA ASP C 178 -4.32 -24.43 -13.16
C ASP C 178 -3.96 -24.82 -14.59
N GLN C 179 -3.46 -26.04 -14.81
CA GLN C 179 -3.16 -26.48 -16.16
C GLN C 179 -4.41 -26.56 -17.04
N ASN C 180 -5.57 -26.77 -16.42
CA ASN C 180 -6.81 -27.04 -17.15
C ASN C 180 -7.91 -26.03 -16.90
N ALA C 181 -7.57 -24.87 -16.35
CA ALA C 181 -8.56 -23.86 -16.03
C ALA C 181 -9.34 -23.45 -17.27
N PRO C 182 -10.60 -23.05 -17.11
CA PRO C 182 -11.40 -22.66 -18.28
C PRO C 182 -10.83 -21.43 -18.97
N ALA C 183 -11.11 -21.34 -20.27
CA ALA C 183 -10.67 -20.21 -21.08
C ALA C 183 -11.42 -18.93 -20.66
N PHE C 184 -10.82 -17.81 -21.03
CA PHE C 184 -11.42 -16.51 -20.76
C PHE C 184 -12.82 -16.41 -21.38
N LYS C 185 -12.99 -16.95 -22.59
CA LYS C 185 -14.29 -16.89 -23.26
C LYS C 185 -15.33 -17.79 -22.60
N ASP C 186 -14.92 -18.73 -21.74
CA ASP C 186 -15.86 -19.58 -21.03
C ASP C 186 -16.49 -18.89 -19.83
N LYS C 187 -15.95 -17.74 -19.42
CA LYS C 187 -16.56 -16.90 -18.40
C LYS C 187 -16.75 -17.65 -17.09
N ASN C 188 -15.67 -18.23 -16.58
CA ASN C 188 -15.72 -18.80 -15.23
C ASN C 188 -15.39 -17.76 -14.18
N TYR C 189 -16.12 -16.65 -14.22
CA TYR C 189 -15.86 -15.53 -13.32
C TYR C 189 -17.11 -14.68 -13.18
N HIS D 7 -6.53 -25.86 10.53
CA HIS D 7 -7.60 -24.98 10.08
C HIS D 7 -8.09 -24.05 11.22
N HIS D 8 -8.36 -24.58 12.41
CA HIS D 8 -8.63 -23.73 13.57
C HIS D 8 -7.37 -22.91 13.89
N MET D 9 -7.56 -21.64 14.26
CA MET D 9 -6.43 -20.83 14.72
C MET D 9 -5.97 -21.30 16.10
N LYS D 10 -4.66 -21.31 16.32
CA LYS D 10 -4.08 -21.84 17.55
C LYS D 10 -3.41 -20.70 18.31
N LEU D 11 -4.06 -20.26 19.39
CA LEU D 11 -3.57 -19.23 20.27
C LEU D 11 -3.08 -19.87 21.57
N VAL D 12 -1.83 -19.59 21.95
CA VAL D 12 -1.22 -20.22 23.12
C VAL D 12 -1.16 -19.18 24.22
N LYS D 13 -1.66 -19.57 25.39
CA LYS D 13 -1.74 -18.71 26.54
C LYS D 13 -0.36 -18.32 27.06
N THR D 14 -0.24 -17.09 27.56
CA THR D 14 0.93 -16.70 28.33
C THR D 14 0.48 -16.31 29.73
N PRO D 15 1.41 -16.06 30.66
CA PRO D 15 1.00 -15.60 32.00
C PRO D 15 0.37 -14.22 32.02
N LEU D 16 0.39 -13.46 30.91
CA LEU D 16 -0.20 -12.13 30.90
C LEU D 16 -1.57 -12.21 30.25
N LYS D 17 -2.58 -11.66 30.91
CA LYS D 17 -3.95 -11.79 30.41
C LYS D 17 -4.07 -11.10 29.05
N ASP D 18 -4.72 -11.79 28.12
CA ASP D 18 -5.02 -11.35 26.76
C ASP D 18 -3.80 -11.33 25.86
N CYS D 19 -2.64 -11.78 26.33
CA CYS D 19 -1.42 -11.76 25.54
C CYS D 19 -1.18 -13.18 25.03
N TYR D 20 -1.12 -13.36 23.71
CA TYR D 20 -1.12 -14.71 23.13
C TYR D 20 0.00 -14.89 22.11
N ILE D 21 0.43 -16.13 21.97
CA ILE D 21 1.30 -16.56 20.88
C ILE D 21 0.40 -17.20 19.82
N ILE D 22 0.56 -16.81 18.57
CA ILE D 22 -0.16 -17.44 17.47
C ILE D 22 0.78 -18.47 16.85
N GLU D 23 0.41 -19.74 16.96
CA GLU D 23 1.26 -20.75 16.34
C GLU D 23 0.63 -21.14 15.01
N PRO D 24 1.38 -21.08 13.91
CA PRO D 24 0.76 -21.31 12.60
C PRO D 24 0.57 -22.79 12.34
N THR D 25 -0.39 -23.10 11.48
CA THR D 25 -0.51 -24.46 10.92
C THR D 25 0.09 -24.40 9.53
N VAL D 26 1.31 -24.91 9.38
CA VAL D 26 2.08 -24.76 8.15
C VAL D 26 1.98 -26.05 7.36
N PHE D 27 1.51 -25.96 6.13
CA PHE D 27 1.46 -27.11 5.24
C PHE D 27 2.74 -27.02 4.42
N GLU D 28 3.61 -28.02 4.59
CA GLU D 28 4.96 -27.97 4.05
C GLU D 28 5.35 -29.30 3.44
N ASP D 29 6.30 -29.23 2.52
CA ASP D 29 6.96 -30.37 1.89
C ASP D 29 8.27 -29.85 1.30
N GLU D 30 8.93 -30.68 0.49
CA GLU D 30 10.21 -30.29 -0.08
C GLU D 30 10.10 -29.14 -1.09
N ARG D 31 8.90 -28.91 -1.66
CA ARG D 31 8.75 -27.90 -2.71
C ARG D 31 8.41 -26.50 -2.18
N GLY D 32 8.10 -26.37 -0.91
CA GLY D 32 7.74 -25.09 -0.34
C GLY D 32 6.79 -25.27 0.82
N TYR D 33 5.94 -24.26 1.03
CA TYR D 33 4.94 -24.32 2.09
C TYR D 33 3.88 -23.24 1.87
N PHE D 34 2.79 -23.35 2.61
CA PHE D 34 1.83 -22.25 2.69
C PHE D 34 1.14 -22.31 4.03
N TYR D 35 0.65 -21.17 4.49
CA TYR D 35 -0.17 -21.12 5.68
C TYR D 35 -0.97 -19.84 5.72
N GLU D 36 -2.09 -19.89 6.45
CA GLU D 36 -2.86 -18.70 6.77
C GLU D 36 -2.21 -18.05 7.97
N LYS D 37 -1.59 -16.91 7.76
CA LYS D 37 -0.83 -16.28 8.84
C LYS D 37 -1.77 -15.67 9.89
N TYR D 38 -2.84 -15.01 9.45
CA TYR D 38 -3.76 -14.35 10.37
C TYR D 38 -5.15 -14.34 9.75
N ASN D 39 -6.17 -14.42 10.60
CA ASN D 39 -7.55 -14.38 10.13
C ASN D 39 -8.36 -13.65 11.21
N GLU D 40 -8.90 -12.48 10.87
CA GLU D 40 -9.56 -11.66 11.88
C GLU D 40 -10.77 -12.36 12.48
N LYS D 41 -11.56 -13.04 11.65
CA LYS D 41 -12.75 -13.70 12.18
C LYS D 41 -12.36 -14.78 13.18
N LYS D 42 -11.33 -15.58 12.87
CA LYS D 42 -10.92 -16.63 13.82
C LYS D 42 -10.39 -16.04 15.12
N PHE D 43 -9.57 -14.98 15.01
CA PHE D 43 -9.01 -14.35 16.21
C PHE D 43 -10.10 -13.77 17.09
N GLU D 44 -11.06 -13.05 16.48
CA GLU D 44 -12.13 -12.44 17.26
C GLU D 44 -13.02 -13.49 17.92
N GLU D 45 -13.34 -14.57 17.21
CA GLU D 45 -14.14 -15.63 17.83
C GLU D 45 -13.44 -16.23 19.04
N LEU D 46 -12.11 -16.40 18.97
CA LEU D 46 -11.36 -17.02 20.06
C LEU D 46 -11.16 -16.11 21.26
N THR D 47 -11.01 -14.79 21.04
CA THR D 47 -10.57 -13.91 22.11
C THR D 47 -11.63 -12.95 22.63
N GLY D 48 -12.67 -12.69 21.86
CA GLY D 48 -13.53 -11.55 22.20
C GLY D 48 -12.85 -10.19 22.11
N LEU D 49 -11.63 -10.12 21.57
CA LEU D 49 -10.91 -8.87 21.42
C LEU D 49 -11.08 -8.34 20.00
N ASN D 50 -10.75 -7.06 19.83
CA ASN D 50 -10.69 -6.48 18.49
C ASN D 50 -9.63 -7.18 17.65
N GLY D 51 -10.01 -7.65 16.46
CA GLY D 51 -9.06 -8.26 15.54
C GLY D 51 -8.76 -7.42 14.32
N HIS D 52 -9.22 -6.17 14.26
CA HIS D 52 -9.07 -5.30 13.09
C HIS D 52 -7.76 -4.54 13.18
N PHE D 53 -6.77 -4.96 12.40
CA PHE D 53 -5.52 -4.23 12.32
C PHE D 53 -5.56 -3.23 11.17
N VAL D 54 -5.01 -2.03 11.42
CA VAL D 54 -5.16 -0.89 10.52
C VAL D 54 -3.84 -0.38 9.99
N GLN D 55 -2.71 -0.85 10.49
CA GLN D 55 -1.42 -0.31 10.08
C GLN D 55 -0.39 -1.44 10.15
N ASP D 56 0.50 -1.49 9.16
CA ASP D 56 1.55 -2.50 9.06
C ASP D 56 2.87 -1.78 8.97
N ASN D 57 3.82 -2.18 9.81
CA ASN D 57 5.12 -1.51 9.88
C ASN D 57 6.21 -2.57 9.73
N ILE D 58 7.32 -2.17 9.12
CA ILE D 58 8.46 -3.06 8.88
C ILE D 58 9.73 -2.36 9.36
N SER D 59 10.62 -3.08 10.03
CA SER D 59 11.97 -2.55 10.23
C SER D 59 13.00 -3.65 10.04
N LYS D 60 14.17 -3.25 9.57
CA LYS D 60 15.33 -4.13 9.47
C LYS D 60 16.46 -3.53 10.31
N SER D 61 17.05 -4.34 11.18
CA SER D 61 18.05 -3.88 12.13
C SER D 61 19.15 -4.93 12.23
N SER D 62 20.35 -4.48 12.63
CA SER D 62 21.48 -5.37 12.80
CA SER D 62 21.45 -5.40 12.79
C SER D 62 21.54 -5.91 14.23
N TYR D 63 22.41 -6.89 14.43
CA TYR D 63 22.61 -7.56 15.72
C TYR D 63 22.75 -6.57 16.87
N GLY D 64 21.99 -6.79 17.94
CA GLY D 64 22.11 -6.03 19.15
C GLY D 64 21.26 -4.79 19.22
N VAL D 65 20.69 -4.37 18.08
CA VAL D 65 19.74 -3.26 18.11
C VAL D 65 18.57 -3.63 19.01
N LEU D 66 18.30 -2.76 19.99
CA LEU D 66 17.23 -2.98 20.96
C LEU D 66 16.33 -1.76 20.94
N ARG D 67 15.04 -1.97 20.74
CA ARG D 67 14.07 -0.89 20.66
CA ARG D 67 14.08 -0.88 20.68
C ARG D 67 12.99 -1.13 21.69
N GLY D 68 12.70 -0.12 22.50
CA GLY D 68 11.64 -0.23 23.50
C GLY D 68 12.04 0.39 24.83
N LEU D 69 11.19 0.27 25.85
CA LEU D 69 9.83 -0.27 25.77
C LEU D 69 8.85 0.84 25.37
N HIS D 70 7.97 0.60 24.41
CA HIS D 70 7.16 1.64 23.81
C HIS D 70 5.67 1.35 23.94
N LEU D 71 4.89 2.42 23.92
CA LEU D 71 3.43 2.33 23.94
C LEU D 71 2.87 3.67 23.50
N GLN D 72 1.56 3.67 23.23
CA GLN D 72 0.78 4.90 23.11
C GLN D 72 -0.27 4.88 24.20
N LYS D 73 -0.49 6.05 24.81
CA LYS D 73 -1.32 6.16 26.01
C LYS D 73 -2.81 6.29 25.66
N GLY D 74 -3.65 5.85 26.58
CA GLY D 74 -5.06 6.18 26.56
C GLY D 74 -5.75 5.62 25.34
N LYS D 75 -6.61 6.44 24.76
CA LYS D 75 -7.40 5.99 23.62
C LYS D 75 -6.55 5.78 22.36
N HIS D 76 -5.29 6.20 22.36
CA HIS D 76 -4.41 5.95 21.21
C HIS D 76 -3.61 4.67 21.36
N ALA D 77 -3.87 3.89 22.41
CA ALA D 77 -3.11 2.66 22.62
C ALA D 77 -3.26 1.72 21.42
N GLN D 78 -2.16 1.05 21.07
CA GLN D 78 -2.10 0.14 19.93
C GLN D 78 -1.86 -1.27 20.41
N ALA D 79 -2.79 -2.18 20.14
CA ALA D 79 -2.44 -3.59 20.20
C ALA D 79 -1.52 -3.88 19.03
N LYS D 80 -0.56 -4.77 19.24
CA LYS D 80 0.46 -5.06 18.25
C LYS D 80 0.49 -6.56 18.00
N LEU D 81 0.50 -6.96 16.74
CA LEU D 81 0.69 -8.37 16.36
C LEU D 81 2.03 -8.43 15.64
N VAL D 82 3.03 -9.05 16.26
CA VAL D 82 4.39 -8.90 15.80
C VAL D 82 4.96 -10.25 15.39
N SER D 83 5.89 -10.19 14.45
CA SER D 83 6.59 -11.40 14.02
C SER D 83 7.89 -10.99 13.37
N CYS D 84 8.71 -11.99 13.09
CA CYS D 84 10.03 -11.79 12.50
C CYS D 84 10.06 -12.46 11.14
N LEU D 85 10.28 -11.66 10.08
CA LEU D 85 10.26 -12.15 8.71
C LEU D 85 11.62 -12.64 8.23
N GLU D 86 12.71 -12.24 8.89
CA GLU D 86 14.06 -12.66 8.52
C GLU D 86 14.89 -12.56 9.78
N GLY D 87 15.67 -13.61 10.10
CA GLY D 87 16.51 -13.61 11.29
C GLY D 87 15.79 -14.05 12.56
N ARG D 88 16.25 -13.54 13.71
CA ARG D 88 15.75 -13.91 15.02
C ARG D 88 15.72 -12.68 15.90
N VAL D 89 14.63 -12.48 16.64
CA VAL D 89 14.57 -11.43 17.65
C VAL D 89 14.06 -12.03 18.95
N TRP D 90 14.38 -11.37 20.04
CA TRP D 90 13.78 -11.65 21.34
C TRP D 90 12.83 -10.50 21.62
N ASP D 91 11.56 -10.84 21.80
CA ASP D 91 10.50 -9.84 21.90
C ASP D 91 9.90 -9.87 23.30
N VAL D 92 9.63 -8.69 23.87
CA VAL D 92 9.18 -8.61 25.25
C VAL D 92 7.92 -7.77 25.32
N ALA D 93 6.94 -8.22 26.09
CA ALA D 93 5.72 -7.47 26.37
C ALA D 93 5.64 -7.21 27.87
N VAL D 94 5.13 -6.04 28.25
CA VAL D 94 5.00 -5.66 29.66
C VAL D 94 3.57 -5.19 29.90
N ASP D 95 2.88 -5.84 30.83
CA ASP D 95 1.50 -5.50 31.15
C ASP D 95 1.51 -4.27 32.04
N LEU D 96 0.93 -3.16 31.56
CA LEU D 96 0.89 -1.91 32.30
C LEU D 96 -0.54 -1.49 32.63
N ARG D 97 -1.49 -2.41 32.57
CA ARG D 97 -2.88 -2.08 32.88
C ARG D 97 -3.08 -2.06 34.39
N GLU D 98 -3.49 -0.90 34.93
CA GLU D 98 -3.50 -0.70 36.38
C GLU D 98 -4.37 -1.71 37.12
N ASN D 99 -5.46 -2.16 36.51
CA ASN D 99 -6.37 -3.09 37.19
C ASN D 99 -6.05 -4.56 36.91
N SER D 100 -5.04 -4.85 36.09
CA SER D 100 -4.76 -6.23 35.69
C SER D 100 -4.09 -7.00 36.81
N GLU D 101 -4.45 -8.28 36.94
CA GLU D 101 -3.80 -9.10 37.95
C GLU D 101 -2.34 -9.37 37.61
N THR D 102 -1.94 -9.12 36.36
CA THR D 102 -0.54 -9.26 35.98
C THR D 102 0.11 -7.90 35.71
N PHE D 103 -0.44 -6.83 36.29
CA PHE D 103 0.17 -5.52 36.15
C PHE D 103 1.64 -5.55 36.53
N GLY D 104 2.48 -4.98 35.67
CA GLY D 104 3.89 -4.90 35.99
C GLY D 104 4.69 -6.16 35.70
N LYS D 105 4.06 -7.20 35.18
CA LYS D 105 4.74 -8.45 34.85
C LYS D 105 5.10 -8.47 33.37
N CYS D 106 6.12 -9.24 33.02
CA CYS D 106 6.65 -9.26 31.66
C CYS D 106 6.67 -10.67 31.09
N TYR D 107 6.72 -10.76 29.77
CA TYR D 107 6.88 -12.05 29.10
C TYR D 107 7.73 -11.85 27.85
N GLY D 108 8.72 -12.71 27.66
CA GLY D 108 9.58 -12.60 26.50
C GLY D 108 9.64 -13.90 25.72
N MET D 109 9.93 -13.79 24.42
CA MET D 109 10.00 -14.98 23.58
C MET D 109 10.76 -14.68 22.30
N GLU D 110 11.30 -15.73 21.71
CA GLU D 110 12.00 -15.62 20.44
C GLU D 110 10.99 -15.69 19.29
N LEU D 111 11.06 -14.73 18.39
CA LEU D 111 10.33 -14.73 17.13
C LEU D 111 11.35 -14.84 16.02
N SER D 112 11.11 -15.76 15.08
CA SER D 112 12.12 -15.95 14.05
C SER D 112 11.44 -16.28 12.74
N ALA D 113 12.19 -16.11 11.66
CA ALA D 113 11.70 -16.55 10.35
C ALA D 113 11.47 -18.05 10.33
N GLU D 114 12.31 -18.80 11.04
CA GLU D 114 12.16 -20.26 11.07
C GLU D 114 10.90 -20.67 11.83
N ASN D 115 10.65 -20.08 13.01
CA ASN D 115 9.53 -20.59 13.80
C ASN D 115 8.20 -19.98 13.41
N LYS D 116 8.18 -18.88 12.65
CA LYS D 116 6.96 -18.31 12.07
C LYS D 116 5.93 -17.93 13.12
N LEU D 117 6.35 -17.75 14.37
CA LEU D 117 5.42 -17.41 15.42
C LEU D 117 5.04 -15.94 15.33
N GLN D 118 3.86 -15.63 15.81
CA GLN D 118 3.43 -14.26 16.02
C GLN D 118 3.07 -14.08 17.49
N PHE D 119 3.18 -12.85 17.94
CA PHE D 119 3.00 -12.52 19.35
C PHE D 119 1.98 -11.38 19.39
N TYR D 120 0.87 -11.59 20.09
CA TYR D 120 -0.16 -10.57 20.20
C TYR D 120 0.00 -9.84 21.53
N VAL D 121 0.23 -8.53 21.47
CA VAL D 121 0.49 -7.66 22.60
C VAL D 121 -0.70 -6.72 22.74
N PRO D 122 -1.55 -6.88 23.76
CA PRO D 122 -2.78 -6.07 23.84
C PRO D 122 -2.50 -4.59 24.05
N ARG D 123 -3.55 -3.79 23.82
CA ARG D 123 -3.56 -2.42 24.30
C ARG D 123 -3.31 -2.39 25.80
N GLY D 124 -2.58 -1.38 26.26
CA GLY D 124 -2.23 -1.22 27.66
C GLY D 124 -0.92 -1.88 28.04
N PHE D 125 -0.21 -2.46 27.09
CA PHE D 125 1.09 -3.07 27.27
C PHE D 125 2.16 -2.16 26.69
N ALA D 126 3.39 -2.34 27.19
CA ALA D 126 4.56 -1.83 26.51
C ALA D 126 5.24 -2.98 25.76
N HIS D 127 5.99 -2.63 24.74
CA HIS D 127 6.57 -3.64 23.85
C HIS D 127 7.99 -3.24 23.48
N GLY D 128 8.84 -4.24 23.30
CA GLY D 128 10.18 -3.96 22.76
C GLY D 128 10.79 -5.24 22.22
N PHE D 129 11.92 -5.10 21.51
CA PHE D 129 12.59 -6.29 21.01
C PHE D 129 14.07 -6.00 20.79
N VAL D 130 14.86 -7.07 20.75
CA VAL D 130 16.30 -6.99 20.49
C VAL D 130 16.65 -8.01 19.41
N VAL D 131 17.57 -7.65 18.53
CA VAL D 131 17.95 -8.50 17.41
C VAL D 131 19.00 -9.51 17.87
N LEU D 132 18.71 -10.79 17.67
CA LEU D 132 19.63 -11.87 18.06
C LEU D 132 20.53 -12.31 16.91
N SER D 133 20.06 -12.20 15.66
CA SER D 133 20.83 -12.66 14.52
C SER D 133 21.68 -11.51 13.97
N GLU D 134 22.50 -11.79 12.95
CA GLU D 134 23.35 -10.74 12.38
C GLU D 134 22.50 -9.56 11.92
N THR D 135 21.36 -9.83 11.28
CA THR D 135 20.33 -8.84 11.00
C THR D 135 18.96 -9.48 11.13
N ALA D 136 17.94 -8.66 11.29
CA ALA D 136 16.59 -9.20 11.39
C ALA D 136 15.59 -8.23 10.77
N VAL D 137 14.55 -8.77 10.14
CA VAL D 137 13.44 -7.96 9.64
C VAL D 137 12.26 -8.21 10.56
N PHE D 138 11.73 -7.14 11.13
CA PHE D 138 10.70 -7.18 12.16
C PHE D 138 9.42 -6.57 11.59
N SER D 139 8.30 -7.26 11.79
CA SER D 139 7.01 -6.84 11.27
C SER D 139 6.06 -6.62 12.45
N TYR D 140 5.39 -5.48 12.50
CA TYR D 140 4.37 -5.32 13.52
C TYR D 140 3.13 -4.66 12.92
N LYS D 141 1.98 -5.28 13.15
CA LYS D 141 0.70 -4.72 12.78
C LYS D 141 0.07 -4.10 14.01
N CYS D 142 -0.54 -2.93 13.86
CA CYS D 142 -1.14 -2.22 14.98
C CYS D 142 -2.64 -2.08 14.75
N ASP D 143 -3.42 -2.18 15.82
CA ASP D 143 -4.87 -2.02 15.75
C ASP D 143 -5.31 -0.60 16.05
N ASN D 144 -4.38 0.37 16.02
CA ASN D 144 -4.70 1.77 16.20
C ASN D 144 -3.62 2.57 15.49
N PHE D 145 -3.91 3.83 15.24
CA PHE D 145 -3.03 4.64 14.42
C PHE D 145 -1.98 5.36 15.26
N TYR D 146 -0.86 5.68 14.62
CA TYR D 146 0.19 6.46 15.24
C TYR D 146 -0.33 7.80 15.78
N ASN D 147 0.14 8.15 16.97
CA ASN D 147 -0.15 9.47 17.54
C ASN D 147 1.06 9.85 18.37
N LYS D 148 1.84 10.83 17.90
CA LYS D 148 3.09 11.17 18.57
C LYS D 148 2.85 11.67 19.99
N GLU D 149 1.87 12.55 20.18
CA GLU D 149 1.72 13.17 21.49
C GLU D 149 1.40 12.14 22.55
N SER D 150 0.76 11.04 22.17
CA SER D 150 0.36 10.02 23.12
C SER D 150 1.48 9.07 23.51
N GLU D 151 2.66 9.18 22.91
CA GLU D 151 3.68 8.15 23.11
C GLU D 151 4.11 8.09 24.58
N GLY D 152 4.23 6.85 25.08
CA GLY D 152 4.81 6.59 26.39
C GLY D 152 5.96 5.61 26.26
N SER D 153 6.65 5.38 27.37
CA SER D 153 7.85 4.55 27.28
C SER D 153 8.27 4.12 28.68
N VAL D 154 9.01 3.01 28.72
CA VAL D 154 9.63 2.52 29.94
C VAL D 154 11.07 2.15 29.61
N LYS D 155 12.01 2.62 30.44
CA LYS D 155 13.41 2.29 30.27
C LYS D 155 13.56 0.77 30.19
N PHE D 156 14.23 0.30 29.13
CA PHE D 156 14.20 -1.12 28.80
C PHE D 156 14.77 -1.97 29.92
N ASN D 157 15.79 -1.49 30.64
CA ASN D 157 16.44 -2.26 31.69
C ASN D 157 16.06 -1.79 33.08
N ASP D 158 14.86 -1.24 33.24
CA ASP D 158 14.38 -0.83 34.54
C ASP D 158 14.55 -1.95 35.56
N SER D 159 15.11 -1.61 36.73
CA SER D 159 15.42 -2.64 37.71
C SER D 159 14.18 -3.19 38.38
N ASP D 160 13.07 -2.45 38.42
CA ASP D 160 11.84 -3.01 38.95
C ASP D 160 11.30 -4.10 38.03
N LEU D 161 11.41 -3.92 36.72
CA LEU D 161 10.94 -4.96 35.80
C LEU D 161 11.96 -6.07 35.66
N SER D 162 13.25 -5.72 35.64
CA SER D 162 14.35 -6.69 35.60
C SER D 162 14.21 -7.66 34.43
N ILE D 163 14.02 -7.11 33.24
CA ILE D 163 13.84 -7.93 32.05
C ILE D 163 15.17 -8.54 31.62
N ASP D 164 15.15 -9.82 31.26
CA ASP D 164 16.30 -10.50 30.66
C ASP D 164 16.24 -10.26 29.15
N TRP D 165 17.16 -9.44 28.63
CA TRP D 165 17.22 -9.14 27.21
C TRP D 165 18.20 -10.05 26.48
N LYS D 166 18.70 -11.09 27.15
CA LYS D 166 19.38 -12.24 26.58
C LYS D 166 20.80 -11.99 26.11
N ILE D 167 21.07 -10.89 25.42
CA ILE D 167 22.41 -10.68 24.88
C ILE D 167 23.25 -9.86 25.87
N PRO D 168 24.56 -9.85 25.75
CA PRO D 168 25.38 -9.02 26.66
C PRO D 168 25.02 -7.55 26.50
N GLU D 169 24.99 -6.83 27.63
CA GLU D 169 24.67 -5.41 27.60
C GLU D 169 25.63 -4.65 26.69
N ALA D 170 26.90 -5.05 26.65
CA ALA D 170 27.87 -4.36 25.81
C ALA D 170 27.52 -4.45 24.33
N ASP D 171 26.76 -5.46 23.92
CA ASP D 171 26.37 -5.59 22.51
C ASP D 171 25.14 -4.76 22.16
N MET D 172 24.44 -4.21 23.13
CA MET D 172 23.17 -3.55 22.82
C MET D 172 23.40 -2.20 22.17
N ILE D 173 22.62 -1.93 21.14
CA ILE D 173 22.64 -0.67 20.41
C ILE D 173 21.28 -0.02 20.63
N LEU D 174 21.28 1.16 21.27
CA LEU D 174 20.04 1.84 21.66
C LEU D 174 20.02 3.27 21.14
N SER D 175 18.84 3.73 20.72
CA SER D 175 18.69 5.14 20.37
C SER D 175 18.85 6.03 21.60
N GLU D 176 19.14 7.31 21.36
CA GLU D 176 19.22 8.27 22.46
C GLU D 176 17.91 8.31 23.24
N LYS D 177 16.79 8.33 22.53
CA LYS D 177 15.49 8.36 23.17
C LYS D 177 15.32 7.18 24.10
N ASP D 178 15.62 5.97 23.60
CA ASP D 178 15.43 4.79 24.44
C ASP D 178 16.44 4.72 25.57
N GLN D 179 17.65 5.29 25.39
CA GLN D 179 18.59 5.34 26.52
C GLN D 179 18.11 6.26 27.63
N ASN D 180 17.23 7.21 27.34
CA ASN D 180 16.81 8.20 28.32
C ASN D 180 15.33 8.04 28.71
N ALA D 181 14.70 6.93 28.31
CA ALA D 181 13.29 6.73 28.61
C ALA D 181 13.09 6.72 30.13
N PRO D 182 11.94 7.20 30.59
CA PRO D 182 11.72 7.27 32.05
C PRO D 182 11.59 5.89 32.68
N ALA D 183 11.92 5.83 33.97
CA ALA D 183 11.83 4.59 34.74
C ALA D 183 10.39 4.12 34.87
N PHE D 184 10.24 2.82 35.16
CA PHE D 184 8.89 2.27 35.38
C PHE D 184 8.16 3.04 36.47
N LYS D 185 8.89 3.48 37.51
CA LYS D 185 8.28 4.22 38.61
C LYS D 185 7.81 5.60 38.18
N ASP D 186 8.39 6.18 37.12
CA ASP D 186 7.95 7.51 36.68
C ASP D 186 6.59 7.51 35.99
N LYS D 187 6.07 6.34 35.62
CA LYS D 187 4.72 6.21 35.09
C LYS D 187 4.51 7.08 33.85
N ASN D 188 5.39 6.93 32.86
CA ASN D 188 5.18 7.55 31.56
C ASN D 188 4.36 6.62 30.67
N TYR D 189 3.19 6.21 31.19
CA TYR D 189 2.30 5.27 30.51
C TYR D 189 0.90 5.45 31.09
N HIS E 7 9.21 -27.62 28.28
CA HIS E 7 9.12 -27.30 29.70
C HIS E 7 7.92 -26.40 30.04
N HIS E 8 7.67 -25.34 29.28
CA HIS E 8 6.48 -24.52 29.53
C HIS E 8 5.20 -25.34 29.30
N MET E 9 4.21 -25.17 30.15
CA MET E 9 2.90 -25.75 29.88
C MET E 9 2.24 -25.04 28.70
N LYS E 10 1.56 -25.80 27.85
CA LYS E 10 1.00 -25.26 26.62
C LYS E 10 -0.53 -25.33 26.69
N LEU E 11 -1.15 -24.20 26.97
CA LEU E 11 -2.61 -24.09 26.99
C LEU E 11 -3.09 -23.38 25.73
N VAL E 12 -4.03 -24.00 25.02
CA VAL E 12 -4.54 -23.48 23.76
C VAL E 12 -5.91 -22.87 24.02
N LYS E 13 -6.12 -21.66 23.51
CA LYS E 13 -7.36 -20.91 23.71
C LYS E 13 -8.55 -21.58 23.05
N THR E 14 -9.74 -21.48 23.69
CA THR E 14 -11.00 -21.81 23.01
C THR E 14 -11.90 -20.58 22.97
N PRO E 15 -13.01 -20.60 22.24
CA PRO E 15 -13.91 -19.42 22.27
C PRO E 15 -14.58 -19.18 23.61
N LEU E 16 -14.49 -20.10 24.57
CA LEU E 16 -15.14 -19.92 25.87
C LEU E 16 -14.10 -19.44 26.87
N LYS E 17 -14.42 -18.36 27.57
CA LYS E 17 -13.48 -17.77 28.51
C LYS E 17 -13.11 -18.78 29.60
N ASP E 18 -11.81 -18.87 29.89
CA ASP E 18 -11.19 -19.70 30.92
C ASP E 18 -11.21 -21.19 30.59
N CYS E 19 -11.69 -21.58 29.41
CA CYS E 19 -11.76 -22.99 29.02
C CYS E 19 -10.60 -23.25 28.05
N TYR E 20 -9.73 -24.21 28.38
CA TYR E 20 -8.47 -24.40 27.65
C TYR E 20 -8.25 -25.86 27.25
N ILE E 21 -7.49 -26.03 26.17
CA ILE E 21 -6.95 -27.33 25.78
C ILE E 21 -5.53 -27.40 26.28
N ILE E 22 -5.15 -28.49 26.95
CA ILE E 22 -3.75 -28.70 27.32
C ILE E 22 -3.11 -29.61 26.28
N GLU E 23 -2.12 -29.06 25.54
CA GLU E 23 -1.35 -29.81 24.57
C GLU E 23 -0.03 -30.24 25.19
N PRO E 24 0.32 -31.52 25.18
CA PRO E 24 1.52 -31.97 25.89
C PRO E 24 2.76 -31.71 25.06
N THR E 25 3.87 -31.53 25.75
CA THR E 25 5.18 -31.52 25.11
C THR E 25 5.85 -32.87 25.34
N VAL E 26 5.89 -33.69 24.29
CA VAL E 26 6.32 -35.08 24.42
C VAL E 26 7.80 -35.20 24.09
N PHE E 27 8.59 -35.73 25.02
CA PHE E 27 10.01 -36.00 24.80
C PHE E 27 10.21 -37.47 24.45
N GLU E 28 10.84 -37.73 23.30
CA GLU E 28 11.08 -39.09 22.87
C GLU E 28 12.56 -39.43 22.89
N ASP E 29 12.86 -40.71 23.10
CA ASP E 29 14.22 -41.21 22.98
C ASP E 29 14.14 -42.70 22.64
N GLU E 30 15.29 -43.36 22.66
CA GLU E 30 15.40 -44.75 22.26
C GLU E 30 14.54 -45.69 23.10
N ARG E 31 14.17 -45.29 24.32
CA ARG E 31 13.41 -46.20 25.16
C ARG E 31 11.91 -45.99 25.09
N GLY E 32 11.44 -44.89 24.50
CA GLY E 32 10.02 -44.56 24.51
C GLY E 32 9.76 -43.07 24.47
N TYR E 33 8.91 -42.58 25.37
CA TYR E 33 8.66 -41.15 25.48
C TYR E 33 8.21 -40.84 26.91
N PHE E 34 8.21 -39.55 27.24
CA PHE E 34 7.65 -39.09 28.49
C PHE E 34 7.17 -37.66 28.33
N TYR E 35 6.22 -37.28 29.18
CA TYR E 35 5.80 -35.90 29.23
C TYR E 35 5.16 -35.62 30.58
N GLU E 36 5.22 -34.35 30.97
CA GLU E 36 4.49 -33.86 32.13
C GLU E 36 3.05 -33.59 31.70
N LYS E 37 2.13 -34.40 32.19
CA LYS E 37 0.74 -34.24 31.77
C LYS E 37 0.12 -33.01 32.40
N TYR E 38 0.39 -32.77 33.68
CA TYR E 38 -0.24 -31.65 34.40
C TYR E 38 0.72 -31.16 35.47
N ASN E 39 0.70 -29.85 35.73
CA ASN E 39 1.52 -29.25 36.78
C ASN E 39 0.72 -28.11 37.38
N GLU E 40 0.39 -28.23 38.67
CA GLU E 40 -0.49 -27.24 39.31
C GLU E 40 0.10 -25.84 39.29
N LYS E 41 1.39 -25.71 39.60
CA LYS E 41 1.99 -24.39 39.64
C LYS E 41 1.98 -23.73 38.26
N LYS E 42 2.35 -24.47 37.23
CA LYS E 42 2.38 -23.89 35.87
C LYS E 42 0.98 -23.51 35.43
N PHE E 43 -0.01 -24.35 35.74
CA PHE E 43 -1.39 -24.05 35.37
C PHE E 43 -1.86 -22.79 36.06
N GLU E 44 -1.61 -22.68 37.37
CA GLU E 44 -2.06 -21.50 38.10
C GLU E 44 -1.36 -20.23 37.60
N GLU E 45 -0.05 -20.32 37.29
CA GLU E 45 0.63 -19.15 36.76
C GLU E 45 0.04 -18.71 35.42
N LEU E 46 -0.32 -19.66 34.56
CA LEU E 46 -0.81 -19.29 33.23
C LEU E 46 -2.24 -18.76 33.26
N THR E 47 -3.07 -19.27 34.17
CA THR E 47 -4.50 -18.98 34.11
C THR E 47 -5.00 -18.05 35.20
N GLY E 48 -4.26 -17.90 36.31
CA GLY E 48 -4.84 -17.28 37.48
C GLY E 48 -5.97 -18.05 38.13
N LEU E 49 -6.24 -19.28 37.73
CA LEU E 49 -7.30 -20.11 38.29
C LEU E 49 -6.75 -21.10 39.31
N ASN E 50 -7.66 -21.68 40.08
CA ASN E 50 -7.34 -22.77 40.98
C ASN E 50 -6.80 -23.95 40.18
N GLY E 51 -5.64 -24.46 40.58
CA GLY E 51 -5.08 -25.65 39.97
C GLY E 51 -5.05 -26.89 40.83
N HIS E 52 -5.67 -26.88 42.02
CA HIS E 52 -5.65 -27.99 42.97
C HIS E 52 -6.79 -28.94 42.65
N PHE E 53 -6.48 -30.08 42.02
CA PHE E 53 -7.49 -31.11 41.82
C PHE E 53 -7.53 -32.12 42.97
N VAL E 54 -8.73 -32.54 43.37
CA VAL E 54 -8.92 -33.34 44.58
C VAL E 54 -9.49 -34.72 44.30
N GLN E 55 -9.90 -35.00 43.08
CA GLN E 55 -10.56 -36.27 42.81
C GLN E 55 -10.28 -36.68 41.38
N ASP E 56 -10.00 -37.97 41.18
CA ASP E 56 -9.74 -38.55 39.87
CA ASP E 56 -9.74 -38.55 39.87
C ASP E 56 -10.73 -39.67 39.64
N ASN E 57 -11.44 -39.62 38.51
CA ASN E 57 -12.50 -40.56 38.18
C ASN E 57 -12.22 -41.19 36.83
N ILE E 58 -12.63 -42.44 36.69
CA ILE E 58 -12.42 -43.19 35.46
C ILE E 58 -13.74 -43.80 35.04
N SER E 59 -14.04 -43.75 33.75
CA SER E 59 -15.15 -44.54 33.23
C SER E 59 -14.74 -45.18 31.92
N LYS E 60 -15.30 -46.36 31.67
CA LYS E 60 -15.15 -47.07 30.40
C LYS E 60 -16.54 -47.33 29.84
N SER E 61 -16.76 -46.99 28.57
CA SER E 61 -18.07 -47.04 27.97
C SER E 61 -17.93 -47.49 26.52
N SER E 62 -19.03 -47.98 25.95
CA SER E 62 -19.04 -48.48 24.58
CA SER E 62 -19.04 -48.48 24.59
C SER E 62 -19.52 -47.39 23.64
N TYR E 63 -19.38 -47.67 22.33
CA TYR E 63 -19.71 -46.72 21.28
C TYR E 63 -21.08 -46.10 21.47
N GLY E 64 -21.14 -44.78 21.41
CA GLY E 64 -22.42 -44.09 21.41
C GLY E 64 -22.94 -43.68 22.76
N VAL E 65 -22.36 -44.17 23.86
CA VAL E 65 -22.76 -43.71 25.19
C VAL E 65 -22.53 -42.20 25.28
N LEU E 66 -23.57 -41.46 25.63
CA LEU E 66 -23.50 -40.00 25.73
C LEU E 66 -23.94 -39.61 27.13
N ARG E 67 -23.07 -38.92 27.86
CA ARG E 67 -23.33 -38.55 29.25
C ARG E 67 -23.26 -37.04 29.40
N GLY E 68 -24.30 -36.44 29.98
CA GLY E 68 -24.33 -35.01 30.19
C GLY E 68 -25.68 -34.41 29.85
N LEU E 69 -25.82 -33.09 29.90
CA LEU E 69 -24.79 -32.17 30.39
C LEU E 69 -24.93 -32.01 31.89
N HIS E 70 -23.80 -32.10 32.60
CA HIS E 70 -23.76 -32.15 34.06
C HIS E 70 -22.94 -31.01 34.66
N LEU E 71 -23.28 -30.66 35.90
CA LEU E 71 -22.57 -29.67 36.70
C LEU E 71 -22.98 -29.83 38.15
N GLN E 72 -22.24 -29.17 39.04
CA GLN E 72 -22.67 -28.98 40.42
C GLN E 72 -22.81 -27.48 40.66
N LYS E 73 -23.82 -27.09 41.43
CA LYS E 73 -24.19 -25.70 41.60
C LYS E 73 -23.39 -25.03 42.72
N GLY E 74 -23.21 -23.71 42.58
CA GLY E 74 -22.81 -22.89 43.71
C GLY E 74 -21.44 -23.28 44.25
N LYS E 75 -21.34 -23.36 45.57
CA LYS E 75 -20.07 -23.63 46.22
C LYS E 75 -19.55 -25.04 45.93
N HIS E 76 -20.37 -25.92 45.36
CA HIS E 76 -19.94 -27.27 45.03
C HIS E 76 -19.49 -27.42 43.59
N ALA E 77 -19.46 -26.34 42.81
CA ALA E 77 -19.10 -26.44 41.41
C ALA E 77 -17.71 -27.06 41.28
N GLN E 78 -17.56 -27.90 40.26
CA GLN E 78 -16.35 -28.64 40.00
C GLN E 78 -15.77 -28.21 38.66
N ALA E 79 -14.57 -27.66 38.68
CA ALA E 79 -13.81 -27.60 37.42
C ALA E 79 -13.32 -29.00 37.08
N LYS E 80 -13.27 -29.30 35.79
CA LYS E 80 -12.93 -30.65 35.34
C LYS E 80 -11.78 -30.61 34.33
N LEU E 81 -10.79 -31.48 34.53
CA LEU E 81 -9.69 -31.66 33.58
C LEU E 81 -9.83 -33.06 33.00
N VAL E 82 -10.20 -33.14 31.74
CA VAL E 82 -10.65 -34.42 31.21
C VAL E 82 -9.73 -34.84 30.07
N SER E 83 -9.59 -36.15 29.91
CA SER E 83 -8.80 -36.70 28.83
C SER E 83 -9.29 -38.11 28.58
N CYS E 84 -8.83 -38.68 27.48
CA CYS E 84 -9.22 -40.01 27.05
C CYS E 84 -8.00 -40.92 27.05
N LEU E 85 -8.03 -41.96 27.89
CA LEU E 85 -6.89 -42.85 28.04
C LEU E 85 -6.90 -44.00 27.05
N GLU E 86 -8.05 -44.31 26.43
CA GLU E 86 -8.17 -45.37 25.45
C GLU E 86 -9.34 -45.02 24.53
N GLY E 87 -9.14 -45.17 23.21
CA GLY E 87 -10.23 -44.88 22.28
C GLY E 87 -10.35 -43.39 21.93
N ARG E 88 -11.58 -42.97 21.61
CA ARG E 88 -11.86 -41.60 21.18
C ARG E 88 -13.20 -41.16 21.74
N VAL E 89 -13.27 -39.92 22.24
CA VAL E 89 -14.54 -39.35 22.65
C VAL E 89 -14.67 -37.94 22.07
N TRP E 90 -15.92 -37.49 21.93
CA TRP E 90 -16.20 -36.09 21.60
C TRP E 90 -16.74 -35.43 22.86
N ASP E 91 -16.05 -34.39 23.32
CA ASP E 91 -16.33 -33.78 24.62
C ASP E 91 -16.86 -32.37 24.43
N VAL E 92 -17.86 -31.97 25.21
CA VAL E 92 -18.51 -30.67 25.02
C VAL E 92 -18.57 -29.91 26.35
N ALA E 93 -18.26 -28.62 26.30
CA ALA E 93 -18.39 -27.71 27.44
C ALA E 93 -19.37 -26.61 27.09
N VAL E 94 -20.14 -26.16 28.10
CA VAL E 94 -21.14 -25.10 27.95
C VAL E 94 -20.93 -24.08 29.06
N ASP E 95 -20.73 -22.83 28.68
CA ASP E 95 -20.54 -21.77 29.66
C ASP E 95 -21.91 -21.33 30.21
N LEU E 96 -22.11 -21.48 31.53
CA LEU E 96 -23.37 -21.11 32.16
C LEU E 96 -23.22 -20.01 33.19
N ARG E 97 -22.10 -19.28 33.14
CA ARG E 97 -21.85 -18.18 34.06
C ARG E 97 -22.64 -16.97 33.59
N GLU E 98 -23.54 -16.47 34.45
CA GLU E 98 -24.47 -15.41 34.05
C GLU E 98 -23.73 -14.16 33.57
N ASN E 99 -22.66 -13.78 34.28
CA ASN E 99 -21.89 -12.59 33.95
C ASN E 99 -20.97 -12.77 32.75
N SER E 100 -20.73 -14.00 32.29
CA SER E 100 -19.70 -14.25 31.31
C SER E 100 -20.08 -13.74 29.93
N GLU E 101 -19.08 -13.19 29.23
CA GLU E 101 -19.28 -12.70 27.86
C GLU E 101 -19.68 -13.81 26.90
N THR E 102 -19.41 -15.08 27.24
CA THR E 102 -19.77 -16.23 26.42
C THR E 102 -20.85 -17.10 27.07
N PHE E 103 -21.65 -16.52 27.97
CA PHE E 103 -22.76 -17.25 28.57
C PHE E 103 -23.60 -17.93 27.49
N GLY E 104 -23.93 -19.20 27.70
CA GLY E 104 -24.77 -19.92 26.77
C GLY E 104 -24.09 -20.46 25.53
N LYS E 105 -22.79 -20.23 25.38
CA LYS E 105 -22.06 -20.74 24.22
C LYS E 105 -21.41 -22.07 24.56
N CYS E 106 -21.19 -22.88 23.53
CA CYS E 106 -20.67 -24.23 23.69
C CYS E 106 -19.41 -24.41 22.85
N TYR E 107 -18.61 -25.39 23.23
CA TYR E 107 -17.42 -25.76 22.46
C TYR E 107 -17.20 -27.25 22.58
N GLY E 108 -16.92 -27.93 21.45
CA GLY E 108 -16.68 -29.36 21.47
C GLY E 108 -15.35 -29.70 20.81
N MET E 109 -14.80 -30.85 21.20
CA MET E 109 -13.51 -31.28 20.66
C MET E 109 -13.31 -32.78 20.88
N GLU E 110 -12.46 -33.38 20.03
CA GLU E 110 -12.09 -34.78 20.18
C GLU E 110 -10.94 -34.96 21.17
N LEU E 111 -11.13 -35.85 22.14
CA LEU E 111 -10.07 -36.30 23.03
C LEU E 111 -9.79 -37.76 22.71
N SER E 112 -8.52 -38.12 22.58
CA SER E 112 -8.22 -39.50 22.22
C SER E 112 -6.94 -39.94 22.90
N ALA E 113 -6.75 -41.26 22.97
CA ALA E 113 -5.48 -41.77 23.45
C ALA E 113 -4.35 -41.34 22.54
N GLU E 114 -4.63 -41.26 21.25
CA GLU E 114 -3.60 -40.87 20.28
C GLU E 114 -3.21 -39.40 20.45
N ASN E 115 -4.18 -38.50 20.61
CA ASN E 115 -3.81 -37.09 20.61
C ASN E 115 -3.36 -36.58 21.99
N LYS E 116 -3.61 -37.33 23.07
CA LYS E 116 -3.08 -37.04 24.40
C LYS E 116 -3.53 -35.68 24.93
N LEU E 117 -4.56 -35.08 24.33
CA LEU E 117 -5.01 -33.77 24.75
C LEU E 117 -5.80 -33.85 26.04
N GLN E 118 -5.81 -32.75 26.77
CA GLN E 118 -6.69 -32.57 27.92
C GLN E 118 -7.55 -31.34 27.70
N PHE E 119 -8.72 -31.33 28.32
CA PHE E 119 -9.69 -30.27 28.13
C PHE E 119 -10.04 -29.78 29.53
N TYR E 120 -9.81 -28.49 29.78
CA TYR E 120 -10.07 -27.90 31.09
C TYR E 120 -11.41 -27.16 31.02
N VAL E 121 -12.36 -27.59 31.85
CA VAL E 121 -13.73 -27.11 31.89
C VAL E 121 -13.93 -26.38 33.21
N PRO E 122 -14.07 -25.05 33.21
CA PRO E 122 -14.10 -24.29 34.47
C PRO E 122 -15.34 -24.57 35.33
N ARG E 123 -15.24 -24.18 36.60
CA ARG E 123 -16.45 -24.06 37.41
C ARG E 123 -17.43 -23.12 36.72
N GLY E 124 -18.72 -23.43 36.83
CA GLY E 124 -19.76 -22.65 36.19
C GLY E 124 -20.12 -23.09 34.79
N PHE E 125 -19.52 -24.18 34.31
CA PHE E 125 -19.80 -24.77 33.02
C PHE E 125 -20.58 -26.06 33.23
N ALA E 126 -21.31 -26.47 32.21
CA ALA E 126 -21.79 -27.83 32.12
C ALA E 126 -20.86 -28.62 31.20
N HIS E 127 -20.81 -29.94 31.41
CA HIS E 127 -19.88 -30.80 30.69
C HIS E 127 -20.58 -32.09 30.27
N GLY E 128 -20.20 -32.61 29.11
CA GLY E 128 -20.68 -33.92 28.72
C GLY E 128 -19.78 -34.45 27.62
N PHE E 129 -19.96 -35.74 27.29
CA PHE E 129 -19.18 -36.32 26.20
C PHE E 129 -19.91 -37.53 25.61
N VAL E 130 -19.50 -37.90 24.40
CA VAL E 130 -20.00 -39.09 23.73
C VAL E 130 -18.83 -39.91 23.21
N VAL E 131 -18.97 -41.24 23.28
CA VAL E 131 -17.92 -42.17 22.87
C VAL E 131 -17.96 -42.34 21.36
N LEU E 132 -16.82 -42.08 20.70
CA LEU E 132 -16.70 -42.25 19.25
C LEU E 132 -16.15 -43.60 18.81
N SER E 133 -15.29 -44.22 19.62
CA SER E 133 -14.66 -45.48 19.27
C SER E 133 -15.52 -46.64 19.77
N GLU E 134 -15.11 -47.87 19.47
CA GLU E 134 -15.89 -49.03 19.90
C GLU E 134 -16.05 -49.04 21.41
N THR E 135 -14.97 -48.72 22.14
CA THR E 135 -15.02 -48.43 23.56
C THR E 135 -14.04 -47.31 23.86
N ALA E 136 -14.23 -46.65 25.00
CA ALA E 136 -13.31 -45.59 25.39
C ALA E 136 -13.19 -45.55 26.90
N VAL E 137 -11.98 -45.22 27.36
CA VAL E 137 -11.73 -44.97 28.78
C VAL E 137 -11.57 -43.47 28.93
N PHE E 138 -12.38 -42.89 29.80
CA PHE E 138 -12.45 -41.45 30.00
C PHE E 138 -11.94 -41.13 31.40
N SER E 139 -11.08 -40.14 31.50
CA SER E 139 -10.50 -39.74 32.78
C SER E 139 -10.94 -38.32 33.09
N TYR E 140 -11.49 -38.10 34.28
CA TYR E 140 -11.75 -36.71 34.64
C TYR E 140 -11.33 -36.43 36.07
N LYS E 141 -10.55 -35.37 36.24
CA LYS E 141 -10.16 -34.85 37.53
C LYS E 141 -11.12 -33.72 37.87
N CYS E 142 -11.52 -33.63 39.13
CA CYS E 142 -12.40 -32.56 39.59
C CYS E 142 -11.67 -31.74 40.64
N ASP E 143 -11.86 -30.41 40.62
CA ASP E 143 -11.27 -29.55 41.63
C ASP E 143 -12.22 -29.27 42.81
N ASN E 144 -13.27 -30.07 42.96
CA ASN E 144 -14.19 -29.96 44.10
C ASN E 144 -14.81 -31.32 44.30
N PHE E 145 -15.37 -31.55 45.49
CA PHE E 145 -15.83 -32.89 45.81
C PHE E 145 -17.27 -33.07 45.36
N TYR E 146 -17.62 -34.34 45.16
CA TYR E 146 -18.98 -34.74 44.82
C TYR E 146 -19.99 -34.26 45.85
N ASN E 147 -21.11 -33.76 45.36
CA ASN E 147 -22.22 -33.41 46.24
C ASN E 147 -23.51 -33.62 45.47
N LYS E 148 -24.26 -34.63 45.87
CA LYS E 148 -25.48 -35.02 45.15
C LYS E 148 -26.52 -33.89 45.16
N GLU E 149 -26.73 -33.29 46.33
CA GLU E 149 -27.74 -32.24 46.49
C GLU E 149 -27.51 -31.08 45.54
N SER E 150 -26.25 -30.83 45.19
CA SER E 150 -25.87 -29.68 44.38
C SER E 150 -25.99 -29.92 42.88
N GLU E 151 -26.31 -31.14 42.44
CA GLU E 151 -26.21 -31.44 41.01
C GLU E 151 -27.18 -30.63 40.17
N GLY E 152 -26.71 -30.16 39.02
CA GLY E 152 -27.54 -29.55 38.01
C GLY E 152 -27.39 -30.26 36.68
N SER E 153 -28.20 -29.82 35.71
CA SER E 153 -28.20 -30.51 34.43
C SER E 153 -28.87 -29.66 33.36
N VAL E 154 -28.46 -29.90 32.12
CA VAL E 154 -29.10 -29.31 30.96
C VAL E 154 -29.28 -30.41 29.92
N LYS E 155 -30.49 -30.52 29.37
CA LYS E 155 -30.76 -31.50 28.33
C LYS E 155 -29.73 -31.43 27.20
N PHE E 156 -29.10 -32.56 26.91
CA PHE E 156 -27.94 -32.57 26.00
C PHE E 156 -28.29 -32.03 24.62
N ASN E 157 -29.51 -32.27 24.13
CA ASN E 157 -29.89 -31.83 22.79
C ASN E 157 -30.82 -30.64 22.85
N ASP E 158 -30.72 -29.84 23.91
CA ASP E 158 -31.51 -28.63 24.04
C ASP E 158 -31.41 -27.79 22.76
N SER E 159 -32.56 -27.38 22.22
CA SER E 159 -32.55 -26.71 20.93
C SER E 159 -31.96 -25.30 21.00
N ASP E 160 -32.00 -24.66 22.18
CA ASP E 160 -31.37 -23.35 22.31
C ASP E 160 -29.85 -23.46 22.17
N LEU E 161 -29.25 -24.52 22.72
CA LEU E 161 -27.82 -24.71 22.58
C LEU E 161 -27.44 -25.30 21.22
N SER E 162 -28.27 -26.18 20.66
CA SER E 162 -28.04 -26.81 19.34
C SER E 162 -26.63 -27.40 19.25
N ILE E 163 -26.26 -28.19 20.25
CA ILE E 163 -24.94 -28.82 20.25
C ILE E 163 -24.87 -29.86 19.16
N ASP E 164 -23.74 -29.90 18.46
CA ASP E 164 -23.43 -30.94 17.48
C ASP E 164 -22.74 -32.08 18.21
N TRP E 165 -23.43 -33.20 18.37
CA TRP E 165 -22.86 -34.37 19.04
C TRP E 165 -22.25 -35.37 18.07
N LYS E 166 -22.09 -34.99 16.79
CA LYS E 166 -21.25 -35.66 15.80
C LYS E 166 -21.74 -37.02 15.28
N ILE E 167 -22.21 -37.91 16.14
CA ILE E 167 -22.63 -39.24 15.68
C ILE E 167 -24.12 -39.21 15.38
N PRO E 168 -24.66 -40.18 14.64
CA PRO E 168 -26.11 -40.17 14.35
C PRO E 168 -26.93 -40.23 15.62
N GLU E 169 -28.08 -39.54 15.59
CA GLU E 169 -28.96 -39.51 16.76
C GLU E 169 -29.40 -40.91 17.19
N ALA E 170 -29.65 -41.80 16.22
CA ALA E 170 -30.10 -43.15 16.52
C ALA E 170 -29.04 -43.98 17.23
N ASP E 171 -27.76 -43.62 17.12
CA ASP E 171 -26.68 -44.36 17.74
C ASP E 171 -26.44 -43.98 19.19
N MET E 172 -27.05 -42.88 19.65
CA MET E 172 -26.76 -42.36 20.97
C MET E 172 -27.43 -43.20 22.05
N ILE E 173 -26.69 -43.49 23.11
CA ILE E 173 -27.19 -44.26 24.26
C ILE E 173 -27.17 -43.33 25.46
N LEU E 174 -28.35 -43.02 26.00
CA LEU E 174 -28.52 -42.05 27.09
C LEU E 174 -29.24 -42.69 28.27
N SER E 175 -28.80 -42.36 29.48
CA SER E 175 -29.47 -42.79 30.70
C SER E 175 -30.84 -42.14 30.81
N GLU E 176 -31.71 -42.74 31.63
CA GLU E 176 -33.04 -42.17 31.83
C GLU E 176 -32.96 -40.76 32.38
N LYS E 177 -32.12 -40.54 33.39
CA LYS E 177 -31.96 -39.20 33.97
C LYS E 177 -31.52 -38.18 32.91
N ASP E 178 -30.53 -38.53 32.10
CA ASP E 178 -30.07 -37.56 31.10
C ASP E 178 -31.11 -37.34 30.01
N GLN E 179 -31.90 -38.37 29.67
CA GLN E 179 -32.97 -38.19 28.71
C GLN E 179 -34.00 -37.20 29.21
N ASN E 180 -34.08 -37.00 30.52
CA ASN E 180 -35.13 -36.17 31.11
C ASN E 180 -34.61 -34.91 31.77
N ALA E 181 -33.35 -34.55 31.53
CA ALA E 181 -32.80 -33.35 32.12
C ALA E 181 -33.59 -32.13 31.67
N PRO E 182 -33.73 -31.11 32.53
CA PRO E 182 -34.50 -29.93 32.15
C PRO E 182 -33.82 -29.14 31.04
N ALA E 183 -34.63 -28.41 30.28
CA ALA E 183 -34.11 -27.58 29.20
C ALA E 183 -33.25 -26.46 29.74
N PHE E 184 -32.39 -25.94 28.87
CA PHE E 184 -31.54 -24.81 29.22
C PHE E 184 -32.37 -23.63 29.73
N LYS E 185 -33.55 -23.42 29.15
CA LYS E 185 -34.45 -22.35 29.59
C LYS E 185 -34.98 -22.60 31.01
N ASP E 186 -35.05 -23.87 31.44
CA ASP E 186 -35.51 -24.17 32.79
C ASP E 186 -34.50 -23.78 33.87
N LYS E 187 -33.25 -23.49 33.50
CA LYS E 187 -32.24 -22.95 34.42
C LYS E 187 -32.05 -23.87 35.64
N ASN E 188 -31.81 -25.15 35.37
CA ASN E 188 -31.43 -26.10 36.41
C ASN E 188 -29.91 -26.09 36.63
N TYR E 189 -29.40 -24.91 36.92
CA TYR E 189 -27.96 -24.73 37.08
C TYR E 189 -27.69 -23.48 37.91
#